data_2C0I
#
_entry.id   2C0I
#
_cell.length_a   49.078
_cell.length_b   73.124
_cell.length_c   179.485
_cell.angle_alpha   90.00
_cell.angle_beta   95.97
_cell.angle_gamma   90.00
#
_symmetry.space_group_name_H-M   'P 1 21 1'
#
loop_
_entity.id
_entity.type
_entity.pdbx_description
1 polymer 'TYROSINE-PROTEIN KINASE HCK'
2 non-polymer N-(4-{4-AMINO-1-[4-(4-METHYLPIPERAZIN-1-YL)-TRANS-CYCLOHEXYL]-1H-PYRAZOLO[3,4-D]PYRIMIDIN-3-YL}-2-METHOXYPHENYL)-1-METHYL-1H-INDOLE-2-CARBOXAMIDE
3 non-polymer 'CALCIUM ION'
4 water water
#
_entity_poly.entity_id   1
_entity_poly.type   'polypeptide(L)'
_entity_poly.pdbx_seq_one_letter_code
;GAMGSGIRIIVVALYDYEAIHHEDLSFQKGDQMVVLEESGEWWKARSLATRKEGYIPSNYVARVDSLETEEWFFKGISRK
DAERQLLAPGNMLGSFMIRDSETTKGSYSLSVRDYDPRQGDTVKHYKIRTLDNGGFYISPRSTFSTLQELVDHYKKGNDG
LCQKLSVPCMSSKPQKPWEKDAWEIPRESLKLEKKLGAGQFGEVWMATYNKHTKVAVKTMKPGSMSVEAFLAEANVMKTL
QHDKLVKLHAVVTKEPIYIITEFMAKGSLLDFLKSDEGSKQPLPKLIDFSAQIAEGMAFIEQRNYIHRDLRAANILVSAS
LVCKIADFGLARVIEDNEYTAREGAKFPIKWTAPEAINFGSFTIKSDVWSFGILLMEIVTYGRIPYPGMSNPEVIRALER
GYRMPRPENCPEELYNIMMRCWKNRPEERPTFEYIQSVLDDFYTATESQ(PTR)EEIP
;
_entity_poly.pdbx_strand_id   A,B
#
# COMPACT_ATOMS: atom_id res chain seq x y z
N ARG A 8 -4.68 47.64 1.59
CA ARG A 8 -6.14 47.47 1.34
C ARG A 8 -6.36 46.15 0.62
N ILE A 9 -7.04 45.23 1.31
CA ILE A 9 -7.17 43.84 0.85
C ILE A 9 -8.59 43.52 0.43
N ILE A 10 -8.77 43.25 -0.85
CA ILE A 10 -10.09 43.04 -1.43
C ILE A 10 -10.36 41.58 -1.78
N VAL A 11 -11.46 41.06 -1.24
CA VAL A 11 -11.90 39.73 -1.55
C VAL A 11 -13.22 39.79 -2.31
N VAL A 12 -13.52 38.73 -3.06
CA VAL A 12 -14.78 38.60 -3.78
C VAL A 12 -15.59 37.42 -3.22
N ALA A 13 -16.92 37.56 -3.28
CA ALA A 13 -17.80 36.50 -2.82
C ALA A 13 -17.88 35.37 -3.85
N LEU A 14 -17.61 34.16 -3.38
CA LEU A 14 -17.66 32.95 -4.22
C LEU A 14 -19.09 32.41 -4.27
N TYR A 15 -19.84 32.67 -3.21
CA TYR A 15 -21.18 32.15 -3.03
C TYR A 15 -22.08 33.24 -2.47
N ASP A 16 -23.40 33.10 -2.66
CA ASP A 16 -24.37 33.95 -1.95
C ASP A 16 -24.39 33.55 -0.50
N TYR A 17 -24.62 34.52 0.37
CA TYR A 17 -24.74 34.27 1.80
C TYR A 17 -25.83 35.16 2.39
N GLU A 18 -26.74 34.56 3.15
CA GLU A 18 -27.78 35.30 3.84
C GLU A 18 -27.44 35.34 5.34
N ALA A 19 -27.36 36.54 5.90
CA ALA A 19 -27.08 36.74 7.33
C ALA A 19 -28.15 36.14 8.26
N ILE A 20 -27.72 35.55 9.38
CA ILE A 20 -28.62 34.85 10.28
C ILE A 20 -28.29 35.18 11.75
N HIS A 21 -27.16 35.83 11.95
CA HIS A 21 -26.68 36.24 13.26
C HIS A 21 -26.88 37.75 13.46
N HIS A 22 -26.35 38.28 14.55
CA HIS A 22 -26.46 39.71 14.88
C HIS A 22 -25.66 40.65 13.97
N GLU A 23 -24.44 40.25 13.61
CA GLU A 23 -23.47 41.17 12.99
C GLU A 23 -22.93 40.69 11.64
N ASP A 24 -23.41 39.56 11.18
CA ASP A 24 -22.93 39.05 9.92
C ASP A 24 -23.58 39.81 8.76
N LEU A 25 -22.88 39.90 7.63
CA LEU A 25 -23.39 40.58 6.44
C LEU A 25 -23.97 39.60 5.43
N SER A 26 -25.04 39.98 4.74
CA SER A 26 -25.49 39.23 3.57
C SER A 26 -24.67 39.70 2.40
N PHE A 27 -24.52 38.83 1.40
CA PHE A 27 -23.88 39.24 0.16
C PHE A 27 -24.26 38.32 -1.00
N GLN A 28 -24.05 38.78 -2.22
CA GLN A 28 -24.22 37.95 -3.39
C GLN A 28 -22.87 37.58 -3.98
N LYS A 29 -22.84 36.45 -4.68
CA LYS A 29 -21.71 36.04 -5.50
C LYS A 29 -21.24 37.22 -6.36
N GLY A 30 -19.93 37.44 -6.40
CA GLY A 30 -19.38 38.57 -7.16
C GLY A 30 -19.21 39.86 -6.37
N ASP A 31 -19.88 39.98 -5.22
CA ASP A 31 -19.70 41.15 -4.35
C ASP A 31 -18.26 41.22 -3.90
N GLN A 32 -17.67 42.40 -4.00
CA GLN A 32 -16.36 42.62 -3.41
C GLN A 32 -16.49 43.20 -1.99
N MET A 33 -15.44 42.99 -1.19
CA MET A 33 -15.40 43.43 0.19
C MET A 33 -14.00 43.80 0.64
N VAL A 34 -13.90 44.85 1.42
CA VAL A 34 -12.63 45.25 2.02
C VAL A 34 -12.47 44.44 3.31
N VAL A 35 -11.31 43.82 3.51
CA VAL A 35 -11.05 43.03 4.70
C VAL A 35 -10.60 43.92 5.84
N LEU A 36 -11.34 43.91 6.95
CA LEU A 36 -10.94 44.73 8.08
C LEU A 36 -10.22 43.90 9.11
N GLU A 37 -10.63 42.64 9.23
CA GLU A 37 -10.00 41.67 10.14
C GLU A 37 -10.00 40.26 9.58
N GLU A 38 -8.94 39.53 9.92
CA GLU A 38 -8.88 38.11 9.66
C GLU A 38 -8.93 37.36 11.00
N SER A 39 -10.10 36.82 11.34
CA SER A 39 -10.30 36.15 12.64
C SER A 39 -10.57 34.65 12.49
N GLY A 40 -10.07 34.07 11.41
CA GLY A 40 -10.25 32.64 11.18
C GLY A 40 -11.53 32.38 10.44
N GLU A 41 -12.51 31.79 11.13
CA GLU A 41 -13.74 31.30 10.49
C GLU A 41 -14.57 32.44 9.92
N TRP A 42 -14.66 33.50 10.72
CA TRP A 42 -15.35 34.70 10.30
C TRP A 42 -14.35 35.84 10.13
N TRP A 43 -14.44 36.54 9.00
CA TRP A 43 -13.68 37.77 8.84
C TRP A 43 -14.59 38.99 9.01
N LYS A 44 -14.05 40.05 9.62
CA LYS A 44 -14.74 41.33 9.60
C LYS A 44 -14.39 42.05 8.31
N ALA A 45 -15.41 42.56 7.62
CA ALA A 45 -15.26 43.18 6.31
C ALA A 45 -16.23 44.34 6.10
N ARG A 46 -15.94 45.17 5.10
CA ARG A 46 -16.91 46.13 4.61
C ARG A 46 -17.39 45.72 3.24
N SER A 47 -18.69 45.55 3.09
CA SER A 47 -19.19 45.30 1.76
C SER A 47 -18.99 46.55 0.91
N LEU A 48 -18.50 46.35 -0.32
CA LEU A 48 -18.37 47.48 -1.22
C LEU A 48 -19.71 47.74 -1.86
N ALA A 49 -20.57 46.71 -1.87
CA ALA A 49 -21.92 46.86 -2.40
C ALA A 49 -22.88 47.61 -1.46
N THR A 50 -22.94 47.20 -0.19
CA THR A 50 -23.90 47.77 0.76
C THR A 50 -23.30 48.88 1.65
N ARG A 51 -21.97 48.97 1.65
CA ARG A 51 -21.19 49.80 2.56
C ARG A 51 -21.35 49.40 4.03
N LYS A 52 -21.88 48.20 4.27
CA LYS A 52 -22.08 47.71 5.65
C LYS A 52 -20.84 47.05 6.20
N GLU A 53 -20.55 47.31 7.46
CA GLU A 53 -19.46 46.64 8.13
C GLU A 53 -19.99 45.45 8.92
N GLY A 54 -19.28 44.32 8.83
CA GLY A 54 -19.65 43.17 9.63
C GLY A 54 -18.92 41.89 9.27
N TYR A 55 -19.42 40.78 9.82
CA TYR A 55 -18.69 39.53 9.77
C TYR A 55 -19.13 38.69 8.58
N ILE A 56 -18.19 38.01 7.96
CA ILE A 56 -18.46 37.11 6.84
C ILE A 56 -17.76 35.79 7.06
N PRO A 57 -18.28 34.70 6.48
CA PRO A 57 -17.55 33.45 6.60
C PRO A 57 -16.39 33.51 5.61
N SER A 58 -15.18 33.30 6.08
CA SER A 58 -13.98 33.46 5.26
C SER A 58 -13.83 32.38 4.20
N ASN A 59 -14.53 31.26 4.38
CA ASN A 59 -14.55 30.22 3.36
C ASN A 59 -15.51 30.53 2.20
N TYR A 60 -16.17 31.70 2.26
CA TYR A 60 -17.05 32.13 1.17
C TYR A 60 -16.40 33.20 0.30
N VAL A 61 -15.16 33.54 0.63
CA VAL A 61 -14.44 34.58 -0.09
C VAL A 61 -13.03 34.13 -0.48
N ALA A 62 -12.51 34.74 -1.55
CA ALA A 62 -11.13 34.57 -1.97
C ALA A 62 -10.62 35.91 -2.47
N ARG A 63 -9.30 36.10 -2.43
CA ARG A 63 -8.67 37.27 -3.02
C ARG A 63 -9.10 37.45 -4.45
N VAL A 64 -9.30 38.71 -4.84
CA VAL A 64 -9.62 39.10 -6.22
C VAL A 64 -8.62 38.48 -7.19
N ASP A 65 -9.14 37.95 -8.29
CA ASP A 65 -8.36 37.32 -9.37
C ASP A 65 -7.50 36.10 -8.99
N SER A 66 -7.53 35.66 -7.73
CA SER A 66 -6.90 34.38 -7.35
C SER A 66 -7.64 33.23 -8.04
N LEU A 67 -6.98 32.09 -8.20
CA LEU A 67 -7.52 30.97 -9.02
C LEU A 67 -8.82 30.42 -8.48
N GLU A 68 -8.95 30.46 -7.16
CA GLU A 68 -10.15 30.11 -6.38
C GLU A 68 -11.44 30.73 -6.92
N THR A 69 -11.32 31.90 -7.54
CA THR A 69 -12.47 32.64 -8.08
C THR A 69 -13.00 32.02 -9.38
N GLU A 70 -12.23 31.10 -9.96
CA GLU A 70 -12.61 30.46 -11.20
C GLU A 70 -13.56 29.30 -10.96
N GLU A 71 -14.56 29.20 -11.83
CA GLU A 71 -15.57 28.16 -11.76
C GLU A 71 -14.97 26.76 -11.81
N TRP A 72 -13.91 26.63 -12.59
CA TRP A 72 -13.24 25.36 -12.87
C TRP A 72 -12.06 25.03 -11.95
N PHE A 73 -11.83 25.84 -10.91
CA PHE A 73 -10.71 25.60 -9.98
C PHE A 73 -11.11 25.20 -8.55
N PHE A 74 -10.51 24.12 -8.05
CA PHE A 74 -10.80 23.55 -6.74
C PHE A 74 -9.58 23.49 -5.81
N LYS A 75 -9.50 24.44 -4.88
CA LYS A 75 -8.35 24.54 -3.98
C LYS A 75 -8.30 23.39 -2.99
N GLY A 76 -7.09 22.83 -2.80
CA GLY A 76 -6.83 21.84 -1.76
C GLY A 76 -7.64 20.55 -1.84
N ILE A 77 -7.85 20.04 -3.06
CA ILE A 77 -8.71 18.88 -3.31
C ILE A 77 -7.89 17.69 -3.90
N SER A 78 -7.99 16.55 -3.22
CA SER A 78 -7.17 15.38 -3.50
C SER A 78 -7.66 14.63 -4.72
N ARG A 79 -6.78 13.79 -5.27
CA ARG A 79 -7.15 12.94 -6.38
C ARG A 79 -8.45 12.23 -6.05
N LYS A 80 -8.57 11.67 -4.86
CA LYS A 80 -9.72 10.85 -4.53
C LYS A 80 -11.01 11.66 -4.31
N ASP A 81 -10.87 12.88 -3.83
CA ASP A 81 -12.00 13.79 -3.72
C ASP A 81 -12.46 14.34 -5.07
N ALA A 82 -11.51 14.65 -5.94
CA ALA A 82 -11.82 15.09 -7.31
C ALA A 82 -12.73 14.09 -7.99
N GLU A 83 -12.34 12.83 -7.90
CA GLU A 83 -13.07 11.69 -8.45
C GLU A 83 -14.49 11.60 -7.85
N ARG A 84 -14.59 11.70 -6.53
CA ARG A 84 -15.87 11.66 -5.82
C ARG A 84 -16.81 12.77 -6.27
N GLN A 85 -16.37 14.02 -6.14
CA GLN A 85 -17.11 15.18 -6.64
C GLN A 85 -17.53 15.05 -8.11
N LEU A 86 -16.61 14.60 -8.94
CA LEU A 86 -16.89 14.55 -10.37
C LEU A 86 -17.87 13.44 -10.68
N LEU A 87 -17.93 12.45 -9.78
CA LEU A 87 -18.86 11.32 -9.88
C LEU A 87 -20.18 11.57 -9.15
N ALA A 88 -20.29 12.71 -8.49
CA ALA A 88 -21.53 13.05 -7.84
C ALA A 88 -22.59 13.45 -8.88
N PRO A 89 -23.89 13.23 -8.56
CA PRO A 89 -25.00 13.77 -9.33
C PRO A 89 -24.87 15.25 -9.67
N GLY A 90 -25.22 15.56 -10.92
CA GLY A 90 -25.15 16.92 -11.45
C GLY A 90 -24.10 17.07 -12.54
N ASN A 91 -23.12 16.18 -12.57
CA ASN A 91 -22.03 16.26 -13.53
C ASN A 91 -22.29 15.41 -14.78
N MET A 92 -21.35 15.39 -15.73
CA MET A 92 -21.53 14.74 -17.03
C MET A 92 -20.19 14.47 -17.70
N LEU A 93 -20.24 13.72 -18.80
CA LEU A 93 -19.11 13.47 -19.66
C LEU A 93 -18.34 14.75 -19.96
N GLY A 94 -17.03 14.71 -19.75
CA GLY A 94 -16.21 15.90 -19.95
C GLY A 94 -16.17 16.86 -18.76
N SER A 95 -17.00 16.64 -17.75
CA SER A 95 -16.95 17.51 -16.55
C SER A 95 -15.57 17.48 -15.93
N PHE A 96 -15.06 18.64 -15.61
CA PHE A 96 -13.66 18.74 -15.26
C PHE A 96 -13.40 19.64 -14.10
N MET A 97 -12.21 19.53 -13.55
CA MET A 97 -11.69 20.56 -12.66
C MET A 97 -10.18 20.69 -12.79
N ILE A 98 -9.66 21.89 -12.58
CA ILE A 98 -8.24 22.04 -12.33
C ILE A 98 -8.17 22.14 -10.83
N ARG A 99 -7.17 21.48 -10.22
CA ARG A 99 -7.02 21.51 -8.77
C ARG A 99 -5.55 21.53 -8.39
N ASP A 100 -5.29 21.69 -7.09
CA ASP A 100 -3.94 21.56 -6.57
C ASP A 100 -3.54 20.07 -6.67
N SER A 101 -2.37 19.84 -7.26
CA SER A 101 -1.77 18.52 -7.27
C SER A 101 -1.47 18.06 -5.83
N GLU A 102 -1.90 16.83 -5.54
CA GLU A 102 -1.77 16.22 -4.23
C GLU A 102 -0.35 15.69 -4.00
N THR A 103 0.23 15.06 -5.03
CA THR A 103 1.55 14.44 -4.93
C THR A 103 2.71 15.31 -5.45
N THR A 104 2.39 16.41 -6.14
CA THR A 104 3.41 17.34 -6.66
C THR A 104 3.21 18.74 -6.10
N LYS A 105 3.44 18.91 -4.80
CA LYS A 105 3.19 20.19 -4.13
C LYS A 105 3.65 21.39 -4.94
N GLY A 106 2.75 22.36 -5.12
CA GLY A 106 3.06 23.62 -5.79
C GLY A 106 2.59 23.64 -7.23
N SER A 107 2.18 22.48 -7.72
CA SER A 107 1.68 22.35 -9.09
C SER A 107 0.20 22.00 -9.14
N TYR A 108 -0.33 21.81 -10.35
CA TYR A 108 -1.75 21.65 -10.57
C TYR A 108 -2.07 20.40 -11.39
N SER A 109 -3.28 19.86 -11.24
CA SER A 109 -3.69 18.70 -12.03
C SER A 109 -5.09 18.89 -12.62
N LEU A 110 -5.31 18.27 -13.77
CA LEU A 110 -6.63 18.24 -14.38
C LEU A 110 -7.35 16.92 -14.07
N SER A 111 -8.61 17.01 -13.66
CA SER A 111 -9.45 15.81 -13.46
C SER A 111 -10.69 15.95 -14.35
N VAL A 112 -10.93 14.96 -15.20
CA VAL A 112 -12.04 14.94 -16.19
C VAL A 112 -12.91 13.69 -16.04
N ARG A 113 -14.23 13.89 -16.06
CA ARG A 113 -15.19 12.80 -16.08
C ARG A 113 -15.17 12.08 -17.44
N ASP A 114 -15.01 10.76 -17.41
CA ASP A 114 -14.86 9.92 -18.62
C ASP A 114 -15.81 8.71 -18.54
N TYR A 115 -15.92 7.95 -19.62
CA TYR A 115 -16.72 6.74 -19.60
C TYR A 115 -16.04 5.62 -20.39
N ASP A 116 -15.74 4.53 -19.69
CA ASP A 116 -15.14 3.37 -20.31
C ASP A 116 -16.17 2.27 -20.47
N PRO A 117 -16.27 1.68 -21.68
CA PRO A 117 -17.24 0.61 -21.91
C PRO A 117 -16.99 -0.56 -20.97
N ARG A 118 -15.75 -1.02 -20.92
CA ARG A 118 -15.40 -2.17 -20.11
C ARG A 118 -15.67 -1.99 -18.61
N GLN A 119 -15.70 -0.74 -18.12
CA GLN A 119 -15.86 -0.45 -16.67
C GLN A 119 -16.91 0.62 -16.25
N GLY A 120 -17.28 1.52 -17.15
CA GLY A 120 -18.30 2.55 -16.84
C GLY A 120 -17.77 3.96 -16.56
N ASP A 121 -18.57 4.75 -15.86
CA ASP A 121 -18.15 6.10 -15.46
C ASP A 121 -16.90 6.11 -14.58
N THR A 122 -15.88 6.78 -15.08
CA THR A 122 -14.58 6.91 -14.43
C THR A 122 -14.18 8.38 -14.46
N VAL A 123 -13.18 8.71 -13.65
CA VAL A 123 -12.54 10.01 -13.62
C VAL A 123 -11.09 9.73 -13.98
N LYS A 124 -10.50 10.60 -14.80
CA LYS A 124 -9.11 10.45 -15.19
C LYS A 124 -8.32 11.67 -14.76
N HIS A 125 -7.03 11.48 -14.57
CA HIS A 125 -6.19 12.55 -14.09
C HIS A 125 -5.03 12.81 -15.01
N TYR A 126 -4.79 14.10 -15.25
CA TYR A 126 -3.68 14.56 -16.06
C TYR A 126 -2.87 15.58 -15.29
N LYS A 127 -1.57 15.33 -15.19
CA LYS A 127 -0.64 16.30 -14.63
C LYS A 127 -0.59 17.53 -15.53
N ILE A 128 -0.78 18.70 -14.93
CA ILE A 128 -0.52 19.97 -15.59
C ILE A 128 0.89 20.36 -15.22
N ARG A 129 1.71 20.72 -16.22
CA ARG A 129 3.12 20.98 -15.98
C ARG A 129 3.51 22.46 -15.95
N THR A 130 4.32 22.80 -14.94
CA THR A 130 4.87 24.15 -14.77
C THR A 130 6.38 24.13 -14.49
N LEU A 131 7.05 25.24 -14.82
CA LEU A 131 8.48 25.42 -14.58
C LEU A 131 8.73 26.91 -14.41
N ASP A 132 9.64 27.46 -15.21
CA ASP A 132 9.70 28.91 -15.42
C ASP A 132 8.74 29.27 -16.56
N ASN A 133 9.03 30.37 -17.27
CA ASN A 133 8.16 30.90 -18.31
C ASN A 133 6.76 31.27 -17.79
N GLY A 134 6.34 30.64 -16.70
CA GLY A 134 5.03 30.87 -16.09
C GLY A 134 3.90 30.22 -16.88
N GLY A 135 4.25 29.23 -17.69
CA GLY A 135 3.30 28.61 -18.61
C GLY A 135 2.89 27.23 -18.19
N PHE A 136 1.88 26.70 -18.88
CA PHE A 136 1.31 25.39 -18.56
C PHE A 136 1.09 24.54 -19.80
N TYR A 137 1.48 23.28 -19.71
CA TYR A 137 1.19 22.29 -20.74
C TYR A 137 0.88 20.94 -20.10
N ILE A 138 -0.01 20.19 -20.74
CA ILE A 138 -0.22 18.78 -20.38
C ILE A 138 0.68 17.91 -21.30
N SER A 139 0.67 18.18 -22.60
CA SER A 139 1.63 17.57 -23.54
C SER A 139 2.51 18.64 -24.21
N PRO A 140 3.85 18.43 -24.21
CA PRO A 140 4.88 19.42 -24.56
C PRO A 140 4.61 20.29 -25.79
N ARG A 141 3.93 19.73 -26.79
CA ARG A 141 3.62 20.44 -28.04
C ARG A 141 2.57 21.54 -27.80
N SER A 142 1.61 21.23 -26.90
CA SER A 142 0.46 22.11 -26.65
C SER A 142 0.71 22.95 -25.40
N THR A 143 0.97 24.25 -25.61
CA THR A 143 1.41 25.15 -24.54
C THR A 143 0.52 26.38 -24.37
N PHE A 144 0.27 26.77 -23.11
CA PHE A 144 -0.64 27.87 -22.76
C PHE A 144 -0.09 28.80 -21.68
N SER A 145 -0.30 30.11 -21.89
CA SER A 145 0.19 31.17 -20.99
C SER A 145 -0.47 31.13 -19.62
N THR A 146 -1.76 30.75 -19.63
CA THR A 146 -2.56 30.67 -18.41
C THR A 146 -3.28 29.33 -18.33
N LEU A 147 -3.71 28.96 -17.12
CA LEU A 147 -4.55 27.78 -16.92
C LEU A 147 -5.87 27.96 -17.65
N GLN A 148 -6.32 29.22 -17.73
CA GLN A 148 -7.58 29.58 -18.38
C GLN A 148 -7.54 29.29 -19.88
N GLU A 149 -6.33 29.43 -20.50
CA GLU A 149 -6.12 29.06 -21.90
C GLU A 149 -6.11 27.53 -22.05
N LEU A 150 -5.50 26.85 -21.09
CA LEU A 150 -5.49 25.37 -21.06
C LEU A 150 -6.92 24.76 -21.09
N VAL A 151 -7.83 25.38 -20.24
CA VAL A 151 -9.19 24.85 -20.13
C VAL A 151 -10.01 25.15 -21.39
N ASP A 152 -9.77 26.33 -21.99
CA ASP A 152 -10.43 26.76 -23.22
C ASP A 152 -10.08 25.87 -24.39
N HIS A 153 -8.76 25.41 -24.37
CA HIS A 153 -8.33 24.51 -25.41
C HIS A 153 -9.12 23.17 -25.33
N TYR A 154 -8.80 22.39 -24.27
CA TYR A 154 -9.45 21.11 -24.08
C TYR A 154 -11.03 21.11 -23.85
N LYS A 155 -11.60 22.37 -24.20
CA LYS A 155 -13.07 22.51 -24.29
C LYS A 155 -13.59 22.29 -25.70
N LYS A 156 -12.78 22.68 -26.70
CA LYS A 156 -13.12 22.33 -28.09
C LYS A 156 -12.12 21.31 -28.63
N GLY A 157 -12.61 20.07 -28.81
CA GLY A 157 -11.77 18.97 -29.27
C GLY A 157 -10.86 18.44 -28.17
N ASN A 158 -10.64 17.13 -28.17
CA ASN A 158 -9.72 16.49 -27.20
C ASN A 158 -8.38 16.11 -27.88
N ASP A 159 -7.51 17.12 -28.00
CA ASP A 159 -6.09 16.97 -28.35
C ASP A 159 -5.39 15.92 -27.42
N GLY A 160 -5.62 14.59 -27.71
CA GLY A 160 -5.00 13.55 -26.89
C GLY A 160 -5.79 13.17 -25.63
N LEU A 161 -6.59 14.12 -25.08
CA LEU A 161 -7.34 13.89 -23.82
C LEU A 161 -8.41 12.81 -23.99
N CYS A 162 -8.81 12.18 -22.88
CA CYS A 162 -9.76 11.05 -22.88
C CYS A 162 -11.16 11.43 -23.34
N GLN A 163 -11.40 12.73 -23.37
CA GLN A 163 -12.72 13.30 -23.36
C GLN A 163 -12.44 14.79 -23.52
N LYS A 164 -13.23 15.49 -24.34
CA LYS A 164 -13.08 16.94 -24.44
C LYS A 164 -13.87 17.54 -23.29
N LEU A 165 -13.35 18.64 -22.70
CA LEU A 165 -13.95 19.24 -21.46
C LEU A 165 -15.27 19.93 -21.83
N SER A 166 -16.26 19.76 -20.96
CA SER A 166 -17.57 20.38 -21.13
C SER A 166 -17.74 21.55 -20.16
N VAL A 167 -18.12 21.24 -18.93
CA VAL A 167 -18.40 22.24 -17.91
C VAL A 167 -17.63 21.88 -16.64
N PRO A 168 -17.27 22.89 -15.82
CA PRO A 168 -16.59 22.54 -14.60
C PRO A 168 -17.45 21.60 -13.79
N CYS A 169 -16.79 20.95 -12.83
CA CYS A 169 -17.43 20.12 -11.82
C CYS A 169 -18.46 20.94 -11.07
N MET A 170 -19.44 20.28 -10.45
CA MET A 170 -20.44 20.99 -9.66
C MET A 170 -19.87 21.28 -8.30
N SER A 171 -20.13 22.50 -7.85
CA SER A 171 -19.90 22.89 -6.45
C SER A 171 -21.24 23.22 -5.86
N SER A 172 -21.50 22.71 -4.67
CA SER A 172 -22.49 23.36 -3.84
C SER A 172 -21.76 24.22 -2.78
N LYS A 173 -22.49 25.20 -2.26
CA LYS A 173 -22.01 26.14 -1.22
C LYS A 173 -21.52 25.40 0.03
N PRO A 174 -20.45 25.90 0.69
CA PRO A 174 -19.91 25.13 1.81
C PRO A 174 -20.80 25.27 3.03
N GLN A 175 -20.61 24.41 4.03
CA GLN A 175 -21.39 24.50 5.26
C GLN A 175 -21.02 25.83 5.86
N LYS A 176 -22.00 26.60 6.31
CA LYS A 176 -21.66 27.80 7.08
C LYS A 176 -20.95 27.44 8.37
N PRO A 177 -19.94 28.23 8.74
CA PRO A 177 -19.29 27.98 10.00
C PRO A 177 -20.26 28.32 11.13
N TRP A 178 -20.06 27.65 12.27
CA TRP A 178 -20.79 27.94 13.49
C TRP A 178 -20.60 29.41 13.77
N GLU A 179 -21.62 30.02 14.37
CA GLU A 179 -21.50 31.36 14.93
C GLU A 179 -20.19 31.56 15.70
N LYS A 180 -19.68 32.78 15.63
CA LYS A 180 -18.41 33.18 16.23
C LYS A 180 -18.54 33.39 17.74
N ASP A 181 -17.56 32.91 18.49
CA ASP A 181 -17.50 32.98 19.98
C ASP A 181 -18.66 32.27 20.64
N ALA A 182 -19.08 31.14 20.09
CA ALA A 182 -20.29 30.45 20.57
C ALA A 182 -20.01 28.95 20.80
N TRP A 183 -18.86 28.66 21.39
CA TRP A 183 -18.53 27.31 21.83
C TRP A 183 -19.45 26.91 22.99
N GLU A 184 -19.51 27.72 24.04
CA GLU A 184 -20.50 27.52 25.08
C GLU A 184 -21.70 28.42 24.81
N ILE A 185 -22.89 27.81 24.81
CA ILE A 185 -24.13 28.51 24.49
C ILE A 185 -25.16 28.28 25.62
N PRO A 186 -26.11 29.20 25.77
CA PRO A 186 -27.20 28.92 26.70
C PRO A 186 -28.16 27.84 26.19
N ARG A 187 -28.71 27.04 27.10
CA ARG A 187 -29.65 25.99 26.68
C ARG A 187 -30.79 26.65 25.93
N GLU A 188 -31.16 27.82 26.45
CA GLU A 188 -32.23 28.68 25.90
C GLU A 188 -32.11 28.92 24.42
N SER A 189 -30.89 28.84 23.91
CA SER A 189 -30.61 28.99 22.47
C SER A 189 -31.14 27.80 21.62
N LEU A 190 -31.58 26.73 22.29
CA LEU A 190 -31.94 25.50 21.56
C LEU A 190 -33.42 25.12 21.61
N LYS A 191 -34.01 24.67 20.49
CA LYS A 191 -35.33 24.05 20.59
C LYS A 191 -35.08 22.61 20.26
N LEU A 192 -35.30 21.69 21.21
CA LEU A 192 -35.16 20.25 20.87
C LEU A 192 -36.49 19.66 20.39
N GLU A 193 -36.56 19.42 19.08
CA GLU A 193 -37.80 19.25 18.34
C GLU A 193 -38.23 17.79 18.10
N LYS A 194 -37.28 16.88 17.89
CA LYS A 194 -37.62 15.49 17.66
C LYS A 194 -36.60 14.57 18.31
N LYS A 195 -37.08 13.67 19.17
CA LYS A 195 -36.21 12.66 19.75
C LYS A 195 -35.87 11.62 18.70
N LEU A 196 -34.60 11.47 18.40
CA LEU A 196 -34.19 10.51 17.43
C LEU A 196 -33.86 9.17 18.06
N GLY A 197 -33.40 9.18 19.30
CA GLY A 197 -33.01 7.97 19.97
C GLY A 197 -32.69 8.26 21.42
N ALA A 198 -32.59 7.20 22.21
CA ALA A 198 -32.43 7.32 23.64
C ALA A 198 -31.87 6.04 24.17
N GLY A 199 -31.00 6.16 25.18
CA GLY A 199 -30.30 5.00 25.73
C GLY A 199 -29.73 5.25 27.11
N GLN A 200 -28.74 4.44 27.46
CA GLN A 200 -28.19 4.37 28.82
C GLN A 200 -27.62 5.69 29.33
N PHE A 201 -26.98 6.44 28.44
CA PHE A 201 -26.21 7.62 28.82
C PHE A 201 -26.84 8.96 28.42
N GLY A 202 -28.06 8.92 27.89
CA GLY A 202 -28.74 10.11 27.38
C GLY A 202 -29.54 9.90 26.10
N GLU A 203 -29.81 10.99 25.37
CA GLU A 203 -30.68 10.99 24.19
C GLU A 203 -30.02 11.73 23.02
N VAL A 204 -30.45 11.45 21.78
CA VAL A 204 -30.13 12.33 20.67
C VAL A 204 -31.39 12.92 20.07
N TRP A 205 -31.34 14.22 19.81
CA TRP A 205 -32.49 15.01 19.34
C TRP A 205 -32.16 15.78 18.08
N MET A 206 -33.15 15.93 17.20
CA MET A 206 -33.06 16.95 16.18
C MET A 206 -33.45 18.30 16.81
N ALA A 207 -32.59 19.29 16.64
CA ALA A 207 -32.83 20.57 17.23
C ALA A 207 -32.65 21.72 16.24
N THR A 208 -32.94 22.91 16.74
CA THR A 208 -32.72 24.16 16.04
C THR A 208 -31.98 25.06 17.02
N TYR A 209 -30.92 25.71 16.54
CA TYR A 209 -30.16 26.68 17.32
C TYR A 209 -30.52 28.08 16.84
N ASN A 210 -31.00 28.91 17.76
CA ASN A 210 -31.50 30.26 17.43
C ASN A 210 -32.26 30.38 16.09
N LYS A 211 -33.13 29.42 15.81
CA LYS A 211 -34.13 29.52 14.76
C LYS A 211 -33.62 29.19 13.38
N HIS A 212 -32.39 29.54 13.03
N HIS A 212 -32.35 29.49 13.15
CA HIS A 212 -31.96 29.32 11.64
CA HIS A 212 -31.75 29.50 11.83
C HIS A 212 -30.95 28.19 11.41
C HIS A 212 -31.00 28.22 11.45
N THR A 213 -30.59 27.45 12.47
CA THR A 213 -29.71 26.30 12.25
C THR A 213 -30.16 25.01 12.87
N LYS A 214 -30.39 24.03 11.98
CA LYS A 214 -30.69 22.65 12.33
C LYS A 214 -29.40 21.98 12.87
N VAL A 215 -29.50 21.40 14.05
CA VAL A 215 -28.39 20.70 14.65
C VAL A 215 -28.89 19.41 15.20
N ALA A 216 -27.97 18.50 15.55
CA ALA A 216 -28.29 17.37 16.43
C ALA A 216 -27.78 17.72 17.80
N VAL A 217 -28.53 17.33 18.84
CA VAL A 217 -28.13 17.52 20.24
C VAL A 217 -28.08 16.18 21.02
N LYS A 218 -26.93 15.89 21.64
CA LYS A 218 -26.82 14.74 22.50
C LYS A 218 -26.92 15.21 23.95
N THR A 219 -27.90 14.67 24.66
CA THR A 219 -28.15 15.08 26.05
C THR A 219 -27.61 13.98 26.98
N MET A 220 -26.76 14.35 27.92
CA MET A 220 -26.05 13.39 28.76
C MET A 220 -26.70 13.22 30.13
N LYS A 221 -27.11 11.99 30.46
CA LYS A 221 -27.55 11.68 31.82
C LYS A 221 -26.37 11.98 32.72
N PRO A 222 -26.61 12.80 33.78
CA PRO A 222 -25.65 13.01 34.85
C PRO A 222 -25.17 11.67 35.40
N GLY A 223 -23.86 11.41 35.30
CA GLY A 223 -23.28 10.12 35.65
C GLY A 223 -22.09 10.19 36.61
N SER A 224 -21.23 9.17 36.53
CA SER A 224 -20.04 9.05 37.39
C SER A 224 -19.04 10.16 37.09
N MET A 225 -18.90 10.45 35.80
CA MET A 225 -18.02 11.49 35.27
C MET A 225 -18.36 12.85 35.82
N SER A 226 -17.35 13.68 36.00
CA SER A 226 -17.54 15.06 36.43
C SER A 226 -17.97 15.94 35.24
N VAL A 227 -18.45 17.14 35.55
CA VAL A 227 -18.85 18.12 34.53
C VAL A 227 -17.62 18.72 33.84
N GLU A 228 -16.71 19.27 34.65
CA GLU A 228 -15.44 19.84 34.19
C GLU A 228 -14.59 18.78 33.47
N ALA A 229 -14.68 17.55 33.95
CA ALA A 229 -13.91 16.45 33.40
C ALA A 229 -14.43 16.06 32.02
N PHE A 230 -15.71 16.35 31.77
CA PHE A 230 -16.35 16.01 30.50
C PHE A 230 -16.09 17.12 29.48
N LEU A 231 -16.04 18.36 29.95
CA LEU A 231 -15.86 19.52 29.08
C LEU A 231 -14.44 19.67 28.55
N ALA A 232 -13.46 19.26 29.35
CA ALA A 232 -12.06 19.32 28.92
C ALA A 232 -11.76 18.39 27.74
N GLU A 233 -12.51 17.28 27.64
CA GLU A 233 -12.42 16.35 26.52
C GLU A 233 -13.12 16.92 25.28
N ALA A 234 -14.30 17.50 25.48
CA ALA A 234 -15.04 18.12 24.38
C ALA A 234 -14.21 19.27 23.80
N ASN A 235 -13.63 20.06 24.70
CA ASN A 235 -12.73 21.17 24.40
C ASN A 235 -11.55 20.74 23.56
N VAL A 236 -10.98 19.60 23.94
CA VAL A 236 -9.90 19.05 23.16
C VAL A 236 -10.45 18.42 21.85
N MET A 237 -11.61 17.76 21.92
CA MET A 237 -12.17 17.09 20.75
C MET A 237 -12.54 18.10 19.68
N LYS A 238 -13.05 19.27 20.12
CA LYS A 238 -13.39 20.35 19.19
C LYS A 238 -12.21 20.87 18.36
N THR A 239 -10.99 20.74 18.87
CA THR A 239 -9.81 21.09 18.09
C THR A 239 -9.36 20.02 17.06
N LEU A 240 -9.97 18.83 17.09
CA LEU A 240 -9.53 17.75 16.22
C LEU A 240 -10.53 17.67 15.09
N GLN A 241 -10.59 18.76 14.32
CA GLN A 241 -11.58 18.87 13.28
C GLN A 241 -11.06 18.15 12.06
N HIS A 242 -11.95 17.41 11.43
CA HIS A 242 -11.60 16.74 10.19
C HIS A 242 -12.86 16.52 9.37
N ASP A 243 -12.70 16.51 8.06
CA ASP A 243 -13.81 16.34 7.14
C ASP A 243 -14.59 15.04 7.33
N LYS A 244 -14.00 14.06 8.04
CA LYS A 244 -14.61 12.74 8.22
C LYS A 244 -14.94 12.44 9.69
N LEU A 245 -14.83 13.47 10.53
CA LEU A 245 -15.37 13.42 11.88
C LEU A 245 -16.53 14.40 11.90
N VAL A 246 -17.66 13.96 12.49
CA VAL A 246 -18.85 14.82 12.66
C VAL A 246 -18.38 16.13 13.30
N LYS A 247 -18.95 17.26 12.87
CA LYS A 247 -18.51 18.57 13.39
C LYS A 247 -19.05 18.83 14.79
N LEU A 248 -18.16 19.10 15.74
CA LEU A 248 -18.59 19.49 17.07
C LEU A 248 -18.72 21.00 17.07
N HIS A 249 -19.94 21.51 17.32
CA HIS A 249 -20.21 22.93 17.22
C HIS A 249 -20.19 23.67 18.56
N ALA A 250 -20.86 23.10 19.57
CA ALA A 250 -21.10 23.81 20.81
C ALA A 250 -21.48 22.88 21.93
N VAL A 251 -21.46 23.42 23.15
CA VAL A 251 -21.79 22.65 24.32
C VAL A 251 -22.61 23.49 25.30
N VAL A 252 -23.56 22.84 25.97
CA VAL A 252 -24.21 23.49 27.09
C VAL A 252 -23.54 22.91 28.34
N THR A 253 -22.86 23.76 29.08
CA THR A 253 -22.02 23.32 30.19
C THR A 253 -22.78 23.00 31.48
N LYS A 254 -24.00 23.53 31.63
CA LYS A 254 -24.79 23.21 32.83
C LYS A 254 -25.45 21.83 32.71
N GLU A 255 -25.37 21.04 33.77
CA GLU A 255 -26.05 19.74 33.88
C GLU A 255 -27.57 19.88 33.68
N PRO A 256 -28.17 19.08 32.78
CA PRO A 256 -27.48 18.04 32.02
C PRO A 256 -26.74 18.60 30.81
N ILE A 257 -25.53 18.07 30.58
CA ILE A 257 -24.68 18.51 29.49
C ILE A 257 -25.31 18.23 28.13
N TYR A 258 -25.42 19.26 27.31
CA TYR A 258 -25.84 19.06 25.91
C TYR A 258 -24.60 19.20 25.08
N ILE A 259 -24.49 18.34 24.06
CA ILE A 259 -23.43 18.38 23.10
C ILE A 259 -24.11 18.68 21.80
N ILE A 260 -23.54 19.58 21.01
CA ILE A 260 -24.19 20.01 19.78
C ILE A 260 -23.26 19.78 18.60
N THR A 261 -23.74 19.01 17.62
CA THR A 261 -23.01 18.77 16.38
C THR A 261 -23.85 19.18 15.17
N GLU A 262 -23.20 19.26 14.01
CA GLU A 262 -23.94 19.33 12.77
C GLU A 262 -24.94 18.17 12.71
N PHE A 263 -26.05 18.44 12.03
CA PHE A 263 -27.04 17.43 11.76
C PHE A 263 -26.69 16.66 10.50
N MET A 264 -26.73 15.33 10.59
CA MET A 264 -26.49 14.47 9.39
C MET A 264 -27.77 13.88 8.82
N ALA A 265 -28.18 14.36 7.66
CA ALA A 265 -29.51 14.07 7.08
C ALA A 265 -29.95 12.59 6.99
N LYS A 266 -28.99 11.69 6.78
CA LYS A 266 -29.29 10.25 6.69
C LYS A 266 -29.02 9.45 7.97
N GLY A 267 -28.84 10.09 9.11
CA GLY A 267 -28.70 9.32 10.35
C GLY A 267 -27.49 8.40 10.27
N SER A 268 -27.59 7.23 10.90
CA SER A 268 -26.47 6.32 10.99
C SER A 268 -26.30 5.46 9.73
N LEU A 269 -25.04 5.07 9.48
CA LEU A 269 -24.65 4.17 8.41
C LEU A 269 -25.36 2.84 8.52
N LEU A 270 -25.58 2.39 9.75
CA LEU A 270 -26.27 1.14 9.99
C LEU A 270 -27.74 1.16 9.50
N ASP A 271 -28.55 2.09 10.05
CA ASP A 271 -29.93 2.32 9.54
C ASP A 271 -29.94 2.58 8.05
N PHE A 272 -28.98 3.37 7.55
CA PHE A 272 -28.92 3.69 6.11
C PHE A 272 -28.72 2.45 5.23
N LEU A 273 -27.79 1.58 5.60
CA LEU A 273 -27.50 0.39 4.82
C LEU A 273 -28.72 -0.51 4.72
N LYS A 274 -29.47 -0.57 5.81
CA LYS A 274 -30.66 -1.41 5.94
C LYS A 274 -31.92 -0.82 5.25
N SER A 275 -31.95 0.49 5.05
CA SER A 275 -33.01 1.20 4.30
C SER A 275 -33.05 0.78 2.83
N ASP A 276 -34.13 1.12 2.13
CA ASP A 276 -34.29 0.81 0.69
C ASP A 276 -33.16 1.41 -0.16
N GLU A 277 -32.88 2.70 0.02
CA GLU A 277 -31.78 3.38 -0.67
C GLU A 277 -30.43 2.74 -0.33
N GLY A 278 -30.33 2.19 0.86
CA GLY A 278 -29.11 1.56 1.32
C GLY A 278 -28.83 0.33 0.51
N SER A 279 -29.87 -0.46 0.28
CA SER A 279 -29.75 -1.73 -0.43
C SER A 279 -29.49 -1.59 -1.94
N LYS A 280 -29.61 -0.35 -2.45
CA LYS A 280 -29.35 -0.02 -3.85
C LYS A 280 -27.88 0.39 -4.10
N GLN A 281 -27.10 0.57 -3.04
CA GLN A 281 -25.67 0.90 -3.19
C GLN A 281 -24.87 -0.30 -3.70
N PRO A 282 -24.26 -0.15 -4.89
CA PRO A 282 -23.42 -1.22 -5.42
C PRO A 282 -22.10 -1.30 -4.67
N LEU A 283 -21.44 -2.44 -4.76
CA LEU A 283 -20.19 -2.67 -4.07
C LEU A 283 -19.14 -1.53 -4.10
N PRO A 284 -18.88 -0.93 -5.29
CA PRO A 284 -17.89 0.18 -5.33
C PRO A 284 -18.18 1.35 -4.37
N LYS A 285 -19.47 1.63 -4.17
CA LYS A 285 -19.94 2.66 -3.27
C LYS A 285 -19.71 2.21 -1.84
N LEU A 286 -20.06 0.95 -1.55
CA LEU A 286 -19.83 0.40 -0.22
C LEU A 286 -18.35 0.49 0.10
N ILE A 287 -17.52 0.16 -0.90
CA ILE A 287 -16.08 0.32 -0.75
C ILE A 287 -15.69 1.79 -0.55
N ASP A 288 -16.36 2.71 -1.24
CA ASP A 288 -16.08 4.12 -1.08
C ASP A 288 -16.37 4.61 0.34
N PHE A 289 -17.49 4.18 0.93
CA PHE A 289 -17.83 4.44 2.30
C PHE A 289 -16.73 3.99 3.25
N SER A 290 -16.27 2.75 3.09
CA SER A 290 -15.17 2.22 3.90
C SER A 290 -13.91 3.09 3.83
N ALA A 291 -13.57 3.57 2.63
CA ALA A 291 -12.42 4.44 2.42
C ALA A 291 -12.58 5.78 3.12
N GLN A 292 -13.80 6.32 3.16
CA GLN A 292 -13.99 7.60 3.85
C GLN A 292 -13.81 7.41 5.35
N ILE A 293 -14.38 6.32 5.86
CA ILE A 293 -14.21 5.96 7.26
C ILE A 293 -12.74 5.71 7.63
N ALA A 294 -12.03 4.96 6.78
CA ALA A 294 -10.60 4.70 6.96
C ALA A 294 -9.77 6.00 7.00
N GLU A 295 -10.20 6.99 6.21
CA GLU A 295 -9.56 8.32 6.19
C GLU A 295 -9.66 9.08 7.52
N GLY A 296 -10.86 9.09 8.11
CA GLY A 296 -11.04 9.68 9.41
C GLY A 296 -10.22 8.93 10.43
N MET A 297 -10.21 7.60 10.34
CA MET A 297 -9.37 6.79 11.24
C MET A 297 -7.88 6.98 10.99
N ALA A 298 -7.46 7.16 9.72
CA ALA A 298 -6.07 7.54 9.46
C ALA A 298 -5.67 8.81 10.27
N PHE A 299 -6.58 9.78 10.33
CA PHE A 299 -6.36 11.05 11.00
C PHE A 299 -6.21 10.88 12.53
N ILE A 300 -7.18 10.24 13.16
CA ILE A 300 -7.09 9.78 14.55
C ILE A 300 -5.75 9.07 14.85
N GLU A 301 -5.43 8.06 14.05
CA GLU A 301 -4.16 7.31 14.06
C GLU A 301 -2.91 8.21 14.01
N GLN A 302 -2.92 9.18 13.12
CA GLN A 302 -1.77 10.02 12.95
C GLN A 302 -1.61 11.01 14.12
N ARG A 303 -2.74 11.43 14.73
CA ARG A 303 -2.71 12.30 15.92
C ARG A 303 -2.49 11.51 17.20
N ASN A 304 -2.34 10.20 17.07
CA ASN A 304 -2.03 9.31 18.19
C ASN A 304 -3.20 9.15 19.18
N TYR A 305 -4.41 9.34 18.68
CA TYR A 305 -5.64 9.12 19.43
C TYR A 305 -6.21 7.73 19.16
N ILE A 306 -7.37 7.46 19.74
CA ILE A 306 -8.02 6.17 19.66
C ILE A 306 -9.51 6.43 19.71
N HIS A 307 -10.27 5.77 18.84
CA HIS A 307 -11.72 5.90 18.91
C HIS A 307 -12.36 5.10 20.06
N ARG A 308 -12.11 3.79 20.08
CA ARG A 308 -12.57 2.81 21.11
C ARG A 308 -13.89 2.12 20.81
N ASP A 309 -14.78 2.79 20.07
CA ASP A 309 -16.09 2.21 19.77
C ASP A 309 -16.44 2.35 18.26
N LEU A 310 -15.60 1.78 17.40
CA LEU A 310 -15.85 1.82 15.96
C LEU A 310 -16.88 0.79 15.50
N ARG A 311 -17.92 1.23 14.81
CA ARG A 311 -18.98 0.38 14.26
C ARG A 311 -19.96 1.26 13.49
N ALA A 312 -20.87 0.63 12.76
CA ALA A 312 -21.73 1.37 11.81
C ALA A 312 -22.75 2.24 12.52
N ALA A 313 -23.20 1.79 13.69
CA ALA A 313 -23.99 2.62 14.59
C ALA A 313 -23.34 3.96 14.92
N ASN A 314 -21.99 4.00 14.90
CA ASN A 314 -21.22 5.23 15.18
C ASN A 314 -20.64 5.92 13.94
N ILE A 315 -21.19 5.57 12.78
CA ILE A 315 -20.93 6.29 11.54
C ILE A 315 -22.24 6.98 11.13
N LEU A 316 -22.11 8.22 10.69
CA LEU A 316 -23.24 9.06 10.31
C LEU A 316 -23.15 9.34 8.81
N VAL A 317 -24.30 9.42 8.15
CA VAL A 317 -24.36 9.66 6.70
C VAL A 317 -25.03 11.02 6.40
N SER A 318 -24.38 11.86 5.60
CA SER A 318 -24.96 13.13 5.20
C SER A 318 -25.93 12.86 4.05
N ALA A 319 -26.68 13.90 3.64
CA ALA A 319 -27.60 13.77 2.50
C ALA A 319 -26.89 13.54 1.15
N SER A 320 -25.63 13.98 1.03
CA SER A 320 -24.80 13.67 -0.14
C SER A 320 -24.05 12.36 0.03
N LEU A 321 -24.32 11.64 1.12
CA LEU A 321 -23.72 10.32 1.36
C LEU A 321 -22.24 10.37 1.77
N VAL A 322 -21.86 11.46 2.41
CA VAL A 322 -20.54 11.56 3.02
C VAL A 322 -20.59 10.89 4.40
N CYS A 323 -19.64 9.99 4.66
CA CYS A 323 -19.55 9.27 5.94
C CYS A 323 -18.64 9.96 6.93
N LYS A 324 -19.13 10.10 8.15
CA LYS A 324 -18.34 10.75 9.19
C LYS A 324 -18.40 9.93 10.47
N ILE A 325 -17.24 9.80 11.09
CA ILE A 325 -17.11 9.14 12.38
C ILE A 325 -17.74 9.99 13.47
N ALA A 326 -18.57 9.34 14.30
CA ALA A 326 -19.32 9.95 15.38
C ALA A 326 -18.84 9.41 16.74
N ASP A 327 -19.01 10.19 17.81
CA ASP A 327 -18.66 9.73 19.15
C ASP A 327 -17.16 9.60 19.42
N PHE A 328 -16.35 10.24 18.57
CA PHE A 328 -14.93 10.37 18.88
C PHE A 328 -14.79 11.26 20.14
N GLY A 329 -14.17 10.72 21.18
CA GLY A 329 -14.06 11.43 22.43
C GLY A 329 -14.96 10.90 23.51
N LEU A 330 -16.19 10.51 23.12
CA LEU A 330 -17.22 10.09 24.08
C LEU A 330 -16.92 8.78 24.81
N ALA A 331 -16.59 7.75 24.04
CA ALA A 331 -16.17 6.46 24.62
C ALA A 331 -14.83 6.57 25.36
N ARG A 332 -14.25 7.77 25.39
CA ARG A 332 -13.00 8.02 26.09
C ARG A 332 -13.30 8.73 27.39
N VAL A 333 -14.54 9.21 27.52
CA VAL A 333 -15.07 9.66 28.79
C VAL A 333 -15.87 8.49 29.40
N ILE A 334 -16.88 8.02 28.67
CA ILE A 334 -17.67 6.86 29.06
C ILE A 334 -17.05 5.58 28.50
N PRO A 348 -20.24 -3.40 23.56
CA PRO A 348 -20.40 -4.14 22.30
C PRO A 348 -19.20 -5.04 21.98
N ILE A 349 -19.21 -6.26 22.52
CA ILE A 349 -18.03 -7.11 22.39
C ILE A 349 -17.78 -7.65 20.96
N LYS A 350 -18.82 -7.69 20.12
CA LYS A 350 -18.70 -8.25 18.75
C LYS A 350 -17.81 -7.46 17.78
N TRP A 351 -17.58 -6.18 18.08
CA TRP A 351 -16.66 -5.33 17.29
C TRP A 351 -15.32 -5.10 18.01
N THR A 352 -15.13 -5.69 19.18
CA THR A 352 -13.93 -5.42 19.95
C THR A 352 -12.85 -6.50 19.78
N ALA A 353 -11.60 -6.05 19.76
CA ALA A 353 -10.43 -6.93 19.66
C ALA A 353 -10.29 -7.81 20.91
N PRO A 354 -9.82 -9.07 20.75
CA PRO A 354 -9.62 -9.99 21.89
C PRO A 354 -8.76 -9.44 23.03
N GLU A 355 -7.71 -8.67 22.71
CA GLU A 355 -6.83 -8.06 23.74
C GLU A 355 -7.60 -7.05 24.57
N ALA A 356 -8.52 -6.35 23.90
CA ALA A 356 -9.31 -5.30 24.52
C ALA A 356 -10.41 -5.91 25.40
N ILE A 357 -11.11 -6.92 24.88
CA ILE A 357 -12.02 -7.68 25.73
C ILE A 357 -11.26 -8.26 26.92
N ASN A 358 -10.25 -9.08 26.64
CA ASN A 358 -9.55 -9.83 27.69
C ASN A 358 -8.76 -9.02 28.71
N PHE A 359 -8.17 -7.89 28.31
CA PHE A 359 -7.29 -7.13 29.23
C PHE A 359 -7.52 -5.61 29.29
N GLY A 360 -8.39 -5.10 28.44
CA GLY A 360 -8.63 -3.67 28.32
C GLY A 360 -7.53 -2.92 27.59
N SER A 361 -6.69 -3.63 26.82
CA SER A 361 -5.69 -2.99 25.95
C SER A 361 -6.33 -2.44 24.68
N PHE A 362 -6.90 -1.25 24.80
CA PHE A 362 -7.44 -0.50 23.66
C PHE A 362 -6.34 0.32 22.98
N THR A 363 -6.14 0.07 21.70
CA THR A 363 -5.15 0.81 20.93
C THR A 363 -5.66 1.12 19.55
N ILE A 364 -4.90 1.89 18.80
CA ILE A 364 -5.22 2.12 17.40
C ILE A 364 -5.39 0.75 16.71
N LYS A 365 -4.67 -0.26 17.22
CA LYS A 365 -4.72 -1.61 16.61
C LYS A 365 -5.99 -2.37 16.96
N SER A 366 -6.54 -2.14 18.16
CA SER A 366 -7.90 -2.61 18.47
C SER A 366 -9.00 -1.82 17.70
N ASP A 367 -8.77 -0.53 17.41
CA ASP A 367 -9.68 0.13 16.45
C ASP A 367 -9.58 -0.53 15.08
N VAL A 368 -8.37 -0.93 14.68
CA VAL A 368 -8.18 -1.59 13.37
C VAL A 368 -8.99 -2.88 13.30
N TRP A 369 -8.97 -3.66 14.38
CA TRP A 369 -9.82 -4.86 14.47
C TRP A 369 -11.30 -4.50 14.24
N SER A 370 -11.75 -3.42 14.89
CA SER A 370 -13.13 -2.93 14.77
C SER A 370 -13.48 -2.49 13.36
N PHE A 371 -12.49 -1.99 12.64
CA PHE A 371 -12.71 -1.53 11.31
C PHE A 371 -13.00 -2.71 10.39
N GLY A 372 -12.34 -3.84 10.64
CA GLY A 372 -12.57 -5.05 9.82
C GLY A 372 -13.99 -5.57 9.98
N ILE A 373 -14.50 -5.51 11.21
CA ILE A 373 -15.87 -5.95 11.55
C ILE A 373 -16.90 -5.02 10.92
N LEU A 374 -16.62 -3.73 10.96
CA LEU A 374 -17.44 -2.73 10.30
C LEU A 374 -17.43 -2.95 8.76
N LEU A 375 -16.26 -3.24 8.20
CA LEU A 375 -16.16 -3.54 6.77
C LEU A 375 -17.10 -4.69 6.39
N MET A 376 -17.19 -5.69 7.27
CA MET A 376 -18.15 -6.77 7.12
C MET A 376 -19.60 -6.27 7.25
N GLU A 377 -19.86 -5.33 8.15
CA GLU A 377 -21.21 -4.73 8.27
C GLU A 377 -21.65 -4.08 6.98
N ILE A 378 -20.72 -3.39 6.33
CA ILE A 378 -21.02 -2.62 5.12
C ILE A 378 -21.32 -3.55 3.93
N VAL A 379 -20.48 -4.56 3.79
CA VAL A 379 -20.60 -5.54 2.73
C VAL A 379 -21.86 -6.40 2.90
N THR A 380 -22.37 -6.49 4.13
CA THR A 380 -23.60 -7.28 4.39
C THR A 380 -24.81 -6.38 4.66
N TYR A 381 -24.68 -5.08 4.35
CA TYR A 381 -25.75 -4.10 4.46
C TYR A 381 -26.34 -4.09 5.85
N GLY A 382 -25.49 -4.13 6.87
CA GLY A 382 -25.91 -3.93 8.25
C GLY A 382 -26.29 -5.16 9.05
N ARG A 383 -26.24 -6.34 8.44
CA ARG A 383 -26.33 -7.58 9.20
C ARG A 383 -25.41 -7.53 10.44
N ILE A 384 -25.91 -8.04 11.55
CA ILE A 384 -25.14 -8.16 12.79
C ILE A 384 -23.90 -9.05 12.56
N PRO A 385 -22.77 -8.73 13.22
CA PRO A 385 -21.62 -9.60 13.08
C PRO A 385 -21.86 -10.93 13.77
N TYR A 386 -21.22 -11.99 13.25
CA TYR A 386 -21.35 -13.35 13.83
C TYR A 386 -22.82 -13.76 14.00
N PRO A 387 -23.62 -13.76 12.91
CA PRO A 387 -25.06 -13.95 13.11
C PRO A 387 -25.37 -15.28 13.78
N GLY A 388 -26.27 -15.26 14.75
CA GLY A 388 -26.71 -16.45 15.46
C GLY A 388 -25.79 -16.92 16.59
N MET A 389 -24.68 -16.20 16.80
CA MET A 389 -23.73 -16.51 17.86
C MET A 389 -23.91 -15.50 18.98
N SER A 390 -23.84 -15.96 20.21
CA SER A 390 -23.88 -15.07 21.38
C SER A 390 -22.50 -14.47 21.66
N ASN A 391 -22.46 -13.44 22.52
CA ASN A 391 -21.18 -12.86 22.94
C ASN A 391 -20.19 -13.90 23.48
N PRO A 392 -20.62 -14.73 24.48
CA PRO A 392 -19.75 -15.82 24.94
C PRO A 392 -19.27 -16.73 23.81
N GLU A 393 -20.20 -17.18 22.96
CA GLU A 393 -19.84 -18.03 21.84
C GLU A 393 -18.76 -17.40 20.94
N VAL A 394 -18.86 -16.09 20.72
CA VAL A 394 -17.89 -15.36 19.93
C VAL A 394 -16.51 -15.32 20.61
N ILE A 395 -16.48 -14.99 21.89
CA ILE A 395 -15.22 -14.90 22.64
C ILE A 395 -14.38 -16.18 22.47
N ARG A 396 -15.02 -17.34 22.63
CA ARG A 396 -14.38 -18.66 22.54
C ARG A 396 -13.97 -19.04 21.12
N ALA A 397 -14.86 -18.79 20.16
CA ALA A 397 -14.57 -19.05 18.74
C ALA A 397 -13.29 -18.33 18.31
N LEU A 398 -13.19 -17.03 18.65
CA LEU A 398 -12.03 -16.21 18.29
C LEU A 398 -10.76 -16.69 18.99
N GLU A 399 -10.94 -17.26 20.18
CA GLU A 399 -9.84 -17.83 20.94
C GLU A 399 -9.37 -19.09 20.24
N ARG A 400 -10.30 -19.80 19.59
CA ARG A 400 -9.97 -20.99 18.82
C ARG A 400 -9.57 -20.68 17.37
N GLY A 401 -9.53 -19.38 17.04
CA GLY A 401 -9.01 -18.91 15.76
C GLY A 401 -10.05 -18.83 14.65
N TYR A 402 -11.32 -18.92 15.03
CA TYR A 402 -12.42 -18.69 14.09
C TYR A 402 -12.50 -17.23 13.59
N ARG A 403 -12.91 -17.06 12.35
CA ARG A 403 -13.23 -15.75 11.76
C ARG A 403 -14.51 -15.89 10.91
N MET A 404 -15.31 -14.84 10.80
CA MET A 404 -16.49 -14.85 9.93
C MET A 404 -16.08 -15.23 8.50
N PRO A 405 -16.88 -16.08 7.83
CA PRO A 405 -16.56 -16.40 6.43
C PRO A 405 -16.87 -15.26 5.47
N ARG A 406 -16.22 -15.27 4.32
CA ARG A 406 -16.48 -14.31 3.27
C ARG A 406 -17.94 -14.41 2.80
N PRO A 407 -18.69 -13.29 2.86
CA PRO A 407 -20.01 -13.28 2.29
C PRO A 407 -19.96 -13.29 0.76
N GLU A 408 -21.14 -13.42 0.16
CA GLU A 408 -21.35 -13.67 -1.26
C GLU A 408 -20.88 -12.51 -2.13
N ASN A 409 -21.25 -11.29 -1.76
CA ASN A 409 -20.99 -10.09 -2.54
C ASN A 409 -19.64 -9.46 -2.14
N CYS A 410 -18.65 -10.28 -1.84
CA CYS A 410 -17.44 -9.77 -1.23
C CYS A 410 -16.24 -10.25 -2.00
N PRO A 411 -15.50 -9.32 -2.62
CA PRO A 411 -14.35 -9.78 -3.41
C PRO A 411 -13.28 -10.33 -2.46
N GLU A 412 -12.60 -11.39 -2.90
CA GLU A 412 -11.53 -12.01 -2.11
C GLU A 412 -10.59 -10.98 -1.53
N GLU A 413 -10.26 -9.97 -2.34
CA GLU A 413 -9.26 -8.98 -1.94
C GLU A 413 -9.79 -8.05 -0.85
N LEU A 414 -11.10 -7.84 -0.83
CA LEU A 414 -11.70 -7.04 0.22
C LEU A 414 -11.70 -7.86 1.51
N TYR A 415 -12.04 -9.13 1.37
CA TYR A 415 -11.97 -10.07 2.48
C TYR A 415 -10.55 -10.22 3.06
N ASN A 416 -9.50 -10.13 2.24
CA ASN A 416 -8.15 -10.21 2.81
C ASN A 416 -7.85 -9.03 3.72
N ILE A 417 -8.33 -7.83 3.36
CA ILE A 417 -8.22 -6.66 4.26
C ILE A 417 -8.82 -6.99 5.62
N MET A 418 -10.03 -7.55 5.61
CA MET A 418 -10.73 -7.89 6.84
C MET A 418 -9.89 -8.84 7.69
N MET A 419 -9.38 -9.87 7.03
CA MET A 419 -8.55 -10.89 7.68
C MET A 419 -7.31 -10.29 8.30
N ARG A 420 -6.69 -9.35 7.60
CA ARG A 420 -5.52 -8.65 8.15
C ARG A 420 -5.83 -7.79 9.40
N CYS A 421 -7.00 -7.16 9.41
CA CYS A 421 -7.56 -6.46 10.57
C CYS A 421 -7.78 -7.38 11.77
N TRP A 422 -8.11 -8.63 11.49
CA TRP A 422 -8.39 -9.62 12.52
C TRP A 422 -7.21 -10.53 12.89
N LYS A 423 -5.98 -10.10 12.59
CA LYS A 423 -4.82 -10.86 13.08
C LYS A 423 -4.85 -10.88 14.62
N ASN A 424 -4.56 -12.04 15.23
CA ASN A 424 -4.61 -12.16 16.71
C ASN A 424 -3.55 -11.28 17.41
N ARG A 425 -2.41 -11.09 16.75
CA ARG A 425 -1.39 -10.15 17.26
C ARG A 425 -1.65 -8.75 16.73
N PRO A 426 -1.83 -7.77 17.64
CA PRO A 426 -2.18 -6.41 17.23
C PRO A 426 -1.11 -5.76 16.35
N GLU A 427 0.14 -6.14 16.56
CA GLU A 427 1.28 -5.60 15.80
C GLU A 427 1.24 -5.97 14.30
N GLU A 428 0.54 -7.07 13.98
CA GLU A 428 0.44 -7.57 12.60
C GLU A 428 -0.72 -6.98 11.83
N ARG A 429 -1.52 -6.16 12.48
CA ARG A 429 -2.69 -5.56 11.82
C ARG A 429 -2.18 -4.36 11.02
N PRO A 430 -2.75 -4.11 9.84
CA PRO A 430 -2.38 -2.93 9.03
C PRO A 430 -2.60 -1.60 9.76
N THR A 431 -1.96 -0.53 9.28
CA THR A 431 -2.31 0.80 9.75
C THR A 431 -3.51 1.27 8.95
N PHE A 432 -4.23 2.28 9.45
CA PHE A 432 -5.34 2.85 8.72
C PHE A 432 -4.85 3.65 7.54
N GLU A 433 -3.62 4.16 7.65
CA GLU A 433 -3.00 4.88 6.55
C GLU A 433 -2.89 3.98 5.31
N TYR A 434 -2.50 2.73 5.55
CA TYR A 434 -2.39 1.73 4.51
C TYR A 434 -3.77 1.19 4.06
N ILE A 435 -4.66 0.93 5.02
CA ILE A 435 -6.05 0.56 4.68
C ILE A 435 -6.70 1.64 3.79
N GLN A 436 -6.55 2.91 4.16
CA GLN A 436 -7.20 3.95 3.39
C GLN A 436 -6.69 3.95 1.95
N SER A 437 -5.37 3.83 1.83
CA SER A 437 -4.70 3.88 0.57
C SER A 437 -5.15 2.68 -0.29
N VAL A 438 -5.27 1.49 0.33
CA VAL A 438 -5.77 0.34 -0.38
C VAL A 438 -7.22 0.56 -0.81
N LEU A 439 -8.05 1.03 0.13
CA LEU A 439 -9.47 1.23 -0.20
C LEU A 439 -9.66 2.32 -1.26
N ASP A 440 -8.92 3.42 -1.11
CA ASP A 440 -9.02 4.52 -2.08
C ASP A 440 -8.83 4.09 -3.53
N ASP A 441 -7.87 3.20 -3.78
CA ASP A 441 -7.48 2.84 -5.14
C ASP A 441 -7.75 1.36 -5.46
N PHE A 442 -8.76 0.80 -4.79
CA PHE A 442 -9.12 -0.59 -4.85
C PHE A 442 -9.38 -1.06 -6.30
N TYR A 443 -9.88 -0.19 -7.17
CA TYR A 443 -10.12 -0.55 -8.59
C TYR A 443 -9.11 0.08 -9.54
N THR A 444 -8.09 0.74 -8.99
CA THR A 444 -7.08 1.40 -9.81
C THR A 444 -5.65 0.93 -9.52
N ALA A 445 -5.00 0.38 -10.55
CA ALA A 445 -3.58 0.08 -10.52
C ALA A 445 -2.78 1.36 -10.33
N THR A 446 -1.78 1.31 -9.44
CA THR A 446 -0.87 2.44 -9.25
C THR A 446 -0.49 3.10 -10.59
N GLU A 447 0.11 2.35 -11.49
CA GLU A 447 0.49 2.89 -12.80
C GLU A 447 -0.62 3.70 -13.49
N SER A 448 -1.88 3.37 -13.21
CA SER A 448 -3.03 3.97 -13.88
C SER A 448 -3.71 5.15 -13.18
N GLN A 449 -3.21 5.55 -12.01
CA GLN A 449 -3.77 6.67 -11.27
C GLN A 449 -3.77 7.97 -12.08
N GLU A 451 -3.05 9.48 -16.09
CA GLU A 451 -2.91 9.16 -17.52
C GLU A 451 -1.55 9.62 -18.01
N GLU A 452 -1.02 8.93 -19.00
CA GLU A 452 0.17 9.40 -19.69
C GLU A 452 -0.33 10.29 -20.82
N ILE A 453 0.59 11.01 -21.46
CA ILE A 453 0.28 11.76 -22.68
C ILE A 453 1.53 12.37 -23.34
N PRO A 454 1.90 11.86 -24.52
CA PRO A 454 2.89 12.53 -25.37
C PRO A 454 2.28 13.77 -26.01
N ARG B 8 9.74 -45.89 9.22
CA ARG B 8 10.42 -45.96 7.90
C ARG B 8 9.87 -44.86 7.01
N ILE B 9 10.74 -43.91 6.66
CA ILE B 9 10.37 -42.73 5.90
C ILE B 9 10.98 -42.76 4.49
N ILE B 10 10.10 -42.84 3.49
CA ILE B 10 10.54 -42.96 2.10
C ILE B 10 10.30 -41.69 1.32
N VAL B 11 11.38 -41.14 0.76
CA VAL B 11 11.30 -40.00 -0.14
C VAL B 11 11.54 -40.42 -1.58
N VAL B 12 11.20 -39.53 -2.51
CA VAL B 12 11.45 -39.74 -3.93
C VAL B 12 12.21 -38.57 -4.52
N ALA B 13 13.08 -38.87 -5.49
CA ALA B 13 13.84 -37.84 -6.18
C ALA B 13 12.97 -37.02 -7.13
N LEU B 14 12.90 -35.72 -6.88
CA LEU B 14 12.20 -34.78 -7.75
C LEU B 14 13.01 -34.46 -9.02
N TYR B 15 14.33 -34.65 -8.94
CA TYR B 15 15.26 -34.24 -10.00
C TYR B 15 16.44 -35.21 -10.07
N ASP B 16 17.11 -35.26 -11.21
CA ASP B 16 18.41 -35.92 -11.32
C ASP B 16 19.44 -35.18 -10.49
N TYR B 17 20.35 -35.92 -9.86
CA TYR B 17 21.45 -35.29 -9.14
C TYR B 17 22.71 -36.16 -9.31
N GLU B 18 23.82 -35.50 -9.66
CA GLU B 18 25.13 -36.15 -9.76
C GLU B 18 25.99 -35.80 -8.55
N ALA B 19 26.50 -36.85 -7.90
CA ALA B 19 27.42 -36.70 -6.79
C ALA B 19 28.66 -35.93 -7.25
N ILE B 20 29.16 -35.06 -6.38
CA ILE B 20 30.36 -34.27 -6.68
C ILE B 20 31.27 -34.21 -5.45
N HIS B 21 30.76 -34.68 -4.31
CA HIS B 21 31.53 -34.68 -3.06
C HIS B 21 32.02 -36.09 -2.71
N HIS B 22 32.52 -36.28 -1.50
CA HIS B 22 33.05 -37.59 -1.09
C HIS B 22 31.96 -38.58 -0.73
N GLU B 23 30.94 -38.12 -0.02
CA GLU B 23 29.94 -39.04 0.54
C GLU B 23 28.51 -38.86 0.03
N ASP B 24 28.32 -38.01 -0.97
CA ASP B 24 26.99 -37.81 -1.53
C ASP B 24 26.62 -38.89 -2.54
N LEU B 25 25.32 -39.04 -2.79
CA LEU B 25 24.82 -40.07 -3.69
C LEU B 25 24.32 -39.49 -5.00
N SER B 26 24.64 -40.17 -6.10
CA SER B 26 23.99 -39.93 -7.38
C SER B 26 22.60 -40.57 -7.36
N PHE B 27 21.62 -39.88 -7.92
CA PHE B 27 20.29 -40.45 -8.13
C PHE B 27 19.59 -39.80 -9.31
N GLN B 28 18.67 -40.53 -9.95
CA GLN B 28 17.80 -39.91 -10.95
C GLN B 28 16.41 -39.64 -10.38
N LYS B 29 15.69 -38.72 -11.02
CA LYS B 29 14.30 -38.42 -10.72
C LYS B 29 13.45 -39.71 -10.73
N GLY B 30 12.56 -39.85 -9.74
CA GLY B 30 11.76 -41.05 -9.59
C GLY B 30 12.37 -42.06 -8.61
N ASP B 31 13.69 -41.98 -8.41
CA ASP B 31 14.40 -42.85 -7.49
C ASP B 31 13.88 -42.72 -6.06
N GLN B 32 13.56 -43.84 -5.45
CA GLN B 32 13.16 -43.85 -4.03
C GLN B 32 14.35 -44.07 -3.09
N MET B 33 14.22 -43.50 -1.89
CA MET B 33 15.29 -43.54 -0.92
C MET B 33 14.76 -43.54 0.49
N VAL B 34 15.39 -44.33 1.36
CA VAL B 34 15.04 -44.35 2.77
C VAL B 34 15.82 -43.25 3.48
N VAL B 35 15.15 -42.46 4.29
CA VAL B 35 15.80 -41.37 5.04
C VAL B 35 16.40 -41.94 6.31
N LEU B 36 17.70 -41.76 6.50
CA LEU B 36 18.34 -42.21 7.74
C LEU B 36 18.49 -41.11 8.77
N GLU B 37 18.73 -39.89 8.29
CA GLU B 37 19.00 -38.74 9.15
C GLU B 37 18.64 -37.45 8.44
N GLU B 38 18.05 -36.51 9.17
CA GLU B 38 17.67 -35.21 8.60
C GLU B 38 18.53 -34.07 9.16
N SER B 39 19.72 -33.91 8.57
CA SER B 39 20.72 -32.95 9.03
C SER B 39 20.61 -31.58 8.33
N GLY B 40 19.38 -31.20 7.98
CA GLY B 40 19.12 -29.92 7.32
C GLY B 40 19.14 -30.00 5.81
N GLU B 41 20.17 -29.40 5.20
CA GLU B 41 20.22 -29.25 3.74
C GLU B 41 20.64 -30.55 3.08
N TRP B 42 21.40 -31.35 3.81
CA TRP B 42 21.76 -32.67 3.36
C TRP B 42 21.15 -33.70 4.30
N TRP B 43 20.47 -34.68 3.73
CA TRP B 43 19.97 -35.80 4.51
C TRP B 43 20.82 -37.04 4.25
N LYS B 44 21.00 -37.88 5.26
CA LYS B 44 21.63 -39.19 5.01
C LYS B 44 20.54 -40.16 4.64
N ALA B 45 20.73 -40.84 3.51
CA ALA B 45 19.70 -41.72 2.99
C ALA B 45 20.28 -43.01 2.46
N ARG B 46 19.41 -44.00 2.25
CA ARG B 46 19.78 -45.19 1.50
C ARG B 46 18.99 -45.24 0.21
N SER B 47 19.69 -45.29 -0.91
CA SER B 47 19.04 -45.47 -2.18
C SER B 47 18.48 -46.89 -2.26
N LEU B 48 17.22 -46.99 -2.70
CA LEU B 48 16.57 -48.28 -2.88
C LEU B 48 17.03 -48.90 -4.19
N ALA B 49 17.44 -48.03 -5.12
CA ALA B 49 17.93 -48.45 -6.42
C ALA B 49 19.34 -49.07 -6.38
N THR B 50 20.24 -48.45 -5.62
CA THR B 50 21.64 -48.88 -5.57
C THR B 50 22.01 -49.64 -4.30
N ARG B 51 21.29 -49.37 -3.22
CA ARG B 51 21.55 -49.91 -1.88
C ARG B 51 22.71 -49.16 -1.20
N LYS B 52 23.15 -48.08 -1.84
CA LYS B 52 24.21 -47.24 -1.31
C LYS B 52 23.65 -46.24 -0.30
N GLU B 53 24.38 -46.06 0.80
CA GLU B 53 24.02 -45.11 1.85
C GLU B 53 24.90 -43.88 1.72
N GLY B 54 24.28 -42.71 1.64
CA GLY B 54 25.04 -41.47 1.44
C GLY B 54 24.25 -40.21 1.65
N TYR B 55 24.87 -39.08 1.32
CA TYR B 55 24.22 -37.79 1.55
C TYR B 55 23.46 -37.31 0.34
N ILE B 56 22.24 -36.82 0.58
CA ILE B 56 21.42 -36.27 -0.50
C ILE B 56 21.00 -34.83 -0.21
N PRO B 57 20.92 -33.99 -1.26
CA PRO B 57 20.39 -32.65 -1.07
C PRO B 57 18.88 -32.74 -0.79
N SER B 58 18.47 -32.23 0.36
CA SER B 58 17.11 -32.43 0.84
C SER B 58 16.06 -31.60 0.09
N ASN B 59 16.51 -30.66 -0.75
CA ASN B 59 15.61 -29.89 -1.64
C ASN B 59 15.46 -30.60 -2.98
N TYR B 60 16.12 -31.75 -3.12
CA TYR B 60 16.02 -32.54 -4.34
C TYR B 60 14.98 -33.64 -4.23
N VAL B 61 14.46 -33.86 -3.02
CA VAL B 61 13.50 -34.95 -2.74
C VAL B 61 12.18 -34.47 -2.08
N ALA B 62 11.19 -35.36 -2.05
CA ALA B 62 9.94 -35.13 -1.31
C ALA B 62 9.33 -36.46 -0.83
N ARG B 63 8.55 -36.40 0.26
CA ARG B 63 7.77 -37.55 0.74
C ARG B 63 6.98 -38.19 -0.42
N VAL B 64 6.99 -39.52 -0.47
CA VAL B 64 6.31 -40.28 -1.54
C VAL B 64 4.85 -39.87 -1.69
N ASP B 65 4.42 -39.75 -2.95
CA ASP B 65 3.06 -39.36 -3.32
C ASP B 65 2.57 -37.99 -2.83
N SER B 66 3.42 -37.26 -2.10
CA SER B 66 3.05 -35.93 -1.62
C SER B 66 2.87 -34.99 -2.80
N LEU B 67 2.20 -33.85 -2.56
CA LEU B 67 1.91 -32.88 -3.62
C LEU B 67 3.14 -32.42 -4.40
N GLU B 68 4.24 -32.13 -3.71
CA GLU B 68 5.49 -31.78 -4.39
C GLU B 68 5.93 -32.76 -5.50
N THR B 69 5.44 -34.00 -5.46
CA THR B 69 5.82 -35.00 -6.48
C THR B 69 5.06 -34.77 -7.77
N GLU B 70 4.06 -33.90 -7.72
CA GLU B 70 3.25 -33.59 -8.87
C GLU B 70 3.94 -32.51 -9.67
N GLU B 71 4.01 -32.74 -10.98
CA GLU B 71 4.59 -31.78 -11.91
C GLU B 71 3.90 -30.42 -11.81
N TRP B 72 2.57 -30.43 -11.71
CA TRP B 72 1.80 -29.20 -11.68
C TRP B 72 1.81 -28.44 -10.35
N PHE B 73 2.36 -29.06 -9.30
CA PHE B 73 2.41 -28.40 -8.00
C PHE B 73 3.71 -27.64 -7.76
N PHE B 74 3.57 -26.42 -7.21
CA PHE B 74 4.72 -25.57 -6.95
C PHE B 74 4.64 -25.02 -5.52
N LYS B 75 5.49 -25.57 -4.64
CA LYS B 75 5.41 -25.31 -3.19
C LYS B 75 6.03 -23.98 -2.75
N GLY B 76 5.32 -23.25 -1.88
CA GLY B 76 5.84 -22.00 -1.32
C GLY B 76 5.96 -20.85 -2.32
N ILE B 77 5.24 -20.98 -3.43
CA ILE B 77 5.31 -20.01 -4.53
C ILE B 77 4.22 -18.96 -4.36
N SER B 78 4.68 -17.73 -4.14
CA SER B 78 3.83 -16.53 -3.98
C SER B 78 3.13 -16.17 -5.27
N ARG B 79 2.12 -15.31 -5.17
CA ARG B 79 1.38 -14.85 -6.33
C ARG B 79 2.32 -14.19 -7.34
N LYS B 80 3.17 -13.32 -6.84
CA LYS B 80 4.11 -12.61 -7.68
C LYS B 80 5.14 -13.54 -8.35
N ASP B 81 5.70 -14.47 -7.58
CA ASP B 81 6.68 -15.40 -8.13
C ASP B 81 6.08 -16.36 -9.16
N ALA B 82 4.82 -16.73 -8.95
CA ALA B 82 4.09 -17.57 -9.87
C ALA B 82 3.94 -16.85 -11.21
N GLU B 83 3.55 -15.58 -11.12
CA GLU B 83 3.46 -14.70 -12.28
C GLU B 83 4.86 -14.52 -12.89
N ARG B 84 5.88 -14.39 -12.05
CA ARG B 84 7.27 -14.26 -12.52
C ARG B 84 7.72 -15.47 -13.31
N GLN B 85 7.58 -16.67 -12.75
CA GLN B 85 7.95 -17.94 -13.41
C GLN B 85 7.11 -18.32 -14.62
N LEU B 86 5.84 -17.94 -14.63
CA LEU B 86 4.97 -18.27 -15.75
C LEU B 86 5.22 -17.38 -16.97
N LEU B 87 5.74 -16.18 -16.72
CA LEU B 87 6.09 -15.25 -17.79
C LEU B 87 7.51 -15.48 -18.34
N ALA B 88 8.29 -16.32 -17.65
CA ALA B 88 9.63 -16.69 -18.10
C ALA B 88 9.60 -17.53 -19.37
N PRO B 89 10.65 -17.41 -20.22
CA PRO B 89 10.72 -18.23 -21.45
C PRO B 89 10.46 -19.73 -21.23
N GLY B 90 9.98 -20.40 -22.28
CA GLY B 90 9.67 -21.83 -22.22
C GLY B 90 8.19 -22.13 -22.05
N ASN B 91 7.46 -21.14 -21.53
CA ASN B 91 6.04 -21.28 -21.23
C ASN B 91 5.18 -20.66 -22.33
N MET B 92 3.97 -21.21 -22.50
CA MET B 92 3.00 -20.68 -23.45
C MET B 92 1.65 -20.40 -22.79
N LEU B 93 0.64 -20.19 -23.63
CA LEU B 93 -0.74 -19.97 -23.21
C LEU B 93 -1.27 -21.23 -22.55
N GLY B 94 -1.98 -21.04 -21.44
CA GLY B 94 -2.53 -22.14 -20.67
C GLY B 94 -1.56 -22.80 -19.72
N SER B 95 -0.29 -22.40 -19.79
CA SER B 95 0.71 -22.84 -18.81
C SER B 95 0.23 -22.51 -17.41
N PHE B 96 0.46 -23.44 -16.48
CA PHE B 96 -0.22 -23.34 -15.21
C PHE B 96 0.56 -23.93 -14.04
N MET B 97 0.09 -23.60 -12.85
CA MET B 97 0.56 -24.24 -11.61
C MET B 97 -0.51 -24.17 -10.56
N ILE B 98 -0.59 -25.21 -9.74
CA ILE B 98 -1.28 -25.14 -8.45
C ILE B 98 -0.16 -24.89 -7.48
N ARG B 99 -0.42 -24.11 -6.44
CA ARG B 99 0.62 -23.66 -5.52
C ARG B 99 0.00 -23.35 -4.18
N ASP B 100 0.81 -23.24 -3.13
CA ASP B 100 0.29 -22.81 -1.82
C ASP B 100 -0.24 -21.39 -1.96
N SER B 101 -1.41 -21.15 -1.39
CA SER B 101 -2.00 -19.83 -1.38
C SER B 101 -1.25 -18.95 -0.39
N GLU B 102 -0.89 -17.77 -0.84
CA GLU B 102 -0.14 -16.80 -0.07
C GLU B 102 -1.00 -16.12 0.99
N THR B 103 -2.19 -15.67 0.60
CA THR B 103 -3.07 -14.92 1.51
C THR B 103 -4.11 -15.81 2.20
N THR B 104 -4.04 -17.13 1.97
CA THR B 104 -4.85 -18.09 2.73
C THR B 104 -4.03 -19.33 3.10
N LYS B 105 -3.50 -19.34 4.32
CA LYS B 105 -2.73 -20.46 4.89
C LYS B 105 -3.47 -21.79 4.83
N GLY B 106 -2.78 -22.83 4.39
CA GLY B 106 -3.35 -24.16 4.31
C GLY B 106 -4.24 -24.41 3.10
N SER B 107 -4.28 -23.44 2.19
CA SER B 107 -5.10 -23.53 1.00
C SER B 107 -4.26 -23.41 -0.27
N TYR B 108 -4.89 -23.63 -1.43
CA TYR B 108 -4.19 -23.64 -2.71
C TYR B 108 -4.78 -22.64 -3.70
N SER B 109 -3.96 -22.24 -4.68
CA SER B 109 -4.40 -21.36 -5.73
C SER B 109 -3.85 -21.87 -7.04
N LEU B 110 -4.51 -21.47 -8.12
CA LEU B 110 -4.15 -21.84 -9.46
C LEU B 110 -3.66 -20.62 -10.27
N SER B 111 -2.49 -20.73 -10.88
CA SER B 111 -1.99 -19.68 -11.72
C SER B 111 -1.99 -20.16 -13.15
N VAL B 112 -2.53 -19.31 -14.03
CA VAL B 112 -2.71 -19.65 -15.45
C VAL B 112 -2.24 -18.52 -16.34
N ARG B 113 -1.40 -18.85 -17.32
CA ARG B 113 -0.96 -17.90 -18.33
C ARG B 113 -2.05 -17.59 -19.36
N ASP B 114 -2.35 -16.30 -19.49
CA ASP B 114 -3.43 -15.81 -20.34
C ASP B 114 -2.87 -14.78 -21.32
N TYR B 115 -3.69 -14.43 -22.32
CA TYR B 115 -3.42 -13.37 -23.28
C TYR B 115 -4.72 -12.68 -23.69
N ASP B 116 -4.73 -11.35 -23.55
CA ASP B 116 -5.76 -10.50 -24.17
C ASP B 116 -5.05 -9.53 -25.12
N PRO B 117 -5.72 -9.12 -26.21
CA PRO B 117 -5.01 -8.29 -27.19
C PRO B 117 -4.74 -6.85 -26.73
N ARG B 118 -5.36 -6.43 -25.62
CA ARG B 118 -5.22 -5.07 -25.11
C ARG B 118 -4.31 -4.94 -23.88
N GLN B 119 -3.79 -6.08 -23.37
CA GLN B 119 -2.80 -6.08 -22.30
C GLN B 119 -1.61 -7.00 -22.62
N GLY B 120 -1.81 -7.94 -23.53
CA GLY B 120 -0.74 -8.84 -23.92
C GLY B 120 -0.76 -10.08 -23.07
N ASP B 121 0.43 -10.59 -22.75
CA ASP B 121 0.56 -11.73 -21.86
C ASP B 121 0.39 -11.31 -20.41
N THR B 122 -0.50 -12.02 -19.71
CA THR B 122 -0.61 -11.90 -18.24
C THR B 122 -0.67 -13.26 -17.56
N VAL B 123 -0.69 -13.24 -16.25
CA VAL B 123 -0.99 -14.42 -15.46
C VAL B 123 -2.25 -14.10 -14.68
N LYS B 124 -3.23 -15.00 -14.76
CA LYS B 124 -4.41 -14.91 -13.91
C LYS B 124 -4.25 -15.93 -12.79
N HIS B 125 -4.88 -15.65 -11.65
CA HIS B 125 -4.83 -16.49 -10.48
C HIS B 125 -6.24 -16.75 -9.96
N TYR B 126 -6.50 -17.99 -9.59
CA TYR B 126 -7.79 -18.38 -9.09
C TYR B 126 -7.60 -19.06 -7.76
N LYS B 127 -8.50 -18.78 -6.85
CA LYS B 127 -8.48 -19.35 -5.53
C LYS B 127 -9.11 -20.74 -5.63
N ILE B 128 -8.43 -21.74 -5.09
CA ILE B 128 -9.06 -23.05 -4.90
C ILE B 128 -9.58 -23.19 -3.46
N ARG B 129 -10.85 -23.56 -3.31
CA ARG B 129 -11.48 -23.68 -2.00
C ARG B 129 -11.57 -25.12 -1.55
N THR B 130 -11.38 -25.30 -0.25
CA THR B 130 -11.51 -26.60 0.40
C THR B 130 -12.19 -26.45 1.76
N LEU B 131 -13.21 -27.26 2.02
CA LEU B 131 -13.78 -27.36 3.38
C LEU B 131 -13.01 -28.47 4.11
N ASP B 132 -13.70 -29.56 4.40
CA ASP B 132 -13.08 -30.85 4.67
C ASP B 132 -13.60 -31.74 3.54
N ASN B 133 -14.36 -32.77 3.89
CA ASN B 133 -14.97 -33.68 2.91
C ASN B 133 -13.94 -34.39 2.02
N GLY B 134 -12.86 -33.68 1.70
CA GLY B 134 -11.83 -34.14 0.78
C GLY B 134 -12.09 -33.54 -0.59
N GLY B 135 -12.37 -32.24 -0.62
CA GLY B 135 -12.95 -31.64 -1.81
C GLY B 135 -12.36 -30.30 -2.17
N PHE B 136 -12.21 -30.09 -3.48
CA PHE B 136 -11.69 -28.84 -4.03
C PHE B 136 -12.59 -28.33 -5.15
N TYR B 137 -12.77 -27.02 -5.19
CA TYR B 137 -13.50 -26.35 -6.27
C TYR B 137 -12.98 -24.94 -6.50
N ILE B 138 -13.07 -24.49 -7.74
CA ILE B 138 -12.86 -23.09 -8.08
C ILE B 138 -14.25 -22.47 -8.28
N SER B 139 -15.07 -23.08 -9.12
CA SER B 139 -16.47 -22.68 -9.25
C SER B 139 -17.32 -23.59 -8.35
N PRO B 140 -18.06 -22.99 -7.39
CA PRO B 140 -18.90 -23.71 -6.42
C PRO B 140 -19.75 -24.84 -7.02
N ARG B 141 -19.99 -24.76 -8.33
CA ARG B 141 -20.80 -25.73 -9.04
C ARG B 141 -20.03 -26.99 -9.44
N SER B 142 -18.72 -26.87 -9.61
CA SER B 142 -17.86 -27.98 -10.03
C SER B 142 -16.87 -28.35 -8.95
N THR B 143 -17.00 -29.56 -8.44
CA THR B 143 -16.22 -29.97 -7.29
C THR B 143 -15.45 -31.26 -7.63
N PHE B 144 -14.26 -31.39 -7.03
CA PHE B 144 -13.37 -32.51 -7.32
C PHE B 144 -12.82 -33.10 -6.03
N SER B 145 -12.67 -34.42 -6.00
CA SER B 145 -12.10 -35.07 -4.83
C SER B 145 -10.61 -34.80 -4.70
N THR B 146 -9.90 -34.81 -5.84
CA THR B 146 -8.47 -34.44 -5.85
C THR B 146 -8.12 -33.24 -6.75
N LEU B 147 -7.02 -32.58 -6.41
CA LEU B 147 -6.41 -31.57 -7.25
C LEU B 147 -6.10 -32.08 -8.67
N GLN B 148 -5.65 -33.33 -8.76
CA GLN B 148 -5.36 -33.96 -10.06
C GLN B 148 -6.61 -33.97 -10.95
N GLU B 149 -7.73 -34.32 -10.34
CA GLU B 149 -9.03 -34.27 -11.00
C GLU B 149 -9.41 -32.83 -11.35
N LEU B 150 -9.14 -31.90 -10.43
CA LEU B 150 -9.27 -30.47 -10.74
C LEU B 150 -8.45 -30.12 -11.99
N VAL B 151 -7.15 -30.42 -11.98
CA VAL B 151 -6.31 -30.09 -13.15
C VAL B 151 -6.69 -30.84 -14.43
N ASP B 152 -7.14 -32.09 -14.30
CA ASP B 152 -7.54 -32.88 -15.46
C ASP B 152 -8.79 -32.33 -16.16
N HIS B 153 -9.76 -31.87 -15.37
CA HIS B 153 -10.95 -31.24 -15.91
C HIS B 153 -10.61 -29.98 -16.71
N TYR B 154 -9.83 -29.09 -16.10
CA TYR B 154 -9.54 -27.78 -16.72
C TYR B 154 -8.62 -27.82 -17.96
N LYS B 155 -8.04 -28.99 -18.25
CA LYS B 155 -7.29 -29.25 -19.48
C LYS B 155 -8.23 -29.57 -20.66
N LYS B 156 -9.35 -30.23 -20.37
CA LYS B 156 -10.36 -30.61 -21.37
C LYS B 156 -11.01 -29.41 -22.03
N GLY B 157 -10.87 -28.24 -21.39
CA GLY B 157 -11.46 -27.00 -21.87
C GLY B 157 -11.68 -26.13 -20.66
N ASN B 158 -11.61 -24.81 -20.84
CA ASN B 158 -11.82 -23.88 -19.73
C ASN B 158 -13.26 -23.87 -19.30
N ASP B 159 -13.51 -23.59 -18.02
CA ASP B 159 -14.88 -23.27 -17.65
C ASP B 159 -15.00 -21.77 -17.57
N GLY B 160 -15.18 -21.26 -16.36
CA GLY B 160 -15.17 -19.81 -16.20
C GLY B 160 -13.74 -19.27 -16.29
N LEU B 161 -12.79 -20.16 -16.53
CA LEU B 161 -11.38 -19.78 -16.60
C LEU B 161 -11.06 -18.90 -17.82
N CYS B 162 -9.92 -18.22 -17.78
CA CYS B 162 -9.50 -17.37 -18.88
C CYS B 162 -9.00 -18.20 -20.04
N GLN B 163 -8.58 -19.43 -19.75
CA GLN B 163 -7.92 -20.28 -20.72
C GLN B 163 -8.06 -21.73 -20.26
N LYS B 164 -8.00 -22.68 -21.21
CA LYS B 164 -7.87 -24.08 -20.83
C LYS B 164 -6.41 -24.40 -20.51
N LEU B 165 -6.20 -25.10 -19.39
CA LEU B 165 -4.87 -25.56 -19.01
C LEU B 165 -4.21 -26.35 -20.14
N SER B 166 -2.93 -26.09 -20.37
CA SER B 166 -2.12 -26.90 -21.26
C SER B 166 -1.09 -27.67 -20.46
N VAL B 167 0.02 -27.02 -20.14
CA VAL B 167 1.16 -27.72 -19.57
C VAL B 167 1.67 -26.98 -18.31
N PRO B 168 2.10 -27.73 -17.28
CA PRO B 168 2.69 -27.08 -16.11
C PRO B 168 3.80 -26.09 -16.45
N CYS B 169 3.92 -25.06 -15.62
CA CYS B 169 5.02 -24.07 -15.68
C CYS B 169 6.36 -24.76 -15.80
N MET B 170 7.19 -24.25 -16.70
CA MET B 170 8.53 -24.78 -16.87
C MET B 170 9.25 -24.60 -15.54
N SER B 171 9.71 -25.72 -14.99
CA SER B 171 10.46 -25.71 -13.76
C SER B 171 11.95 -25.72 -14.09
N SER B 172 12.77 -25.49 -13.07
CA SER B 172 14.20 -25.57 -13.22
C SER B 172 14.77 -26.32 -12.03
N LYS B 173 15.83 -27.09 -12.29
CA LYS B 173 16.58 -27.80 -11.26
C LYS B 173 17.12 -26.79 -10.22
N PRO B 174 16.88 -27.06 -8.92
CA PRO B 174 17.29 -26.09 -7.89
C PRO B 174 18.81 -26.06 -7.71
N GLN B 175 19.32 -24.92 -7.25
CA GLN B 175 20.73 -24.78 -6.98
C GLN B 175 21.06 -25.74 -5.84
N LYS B 176 22.15 -26.48 -5.98
CA LYS B 176 22.54 -27.47 -5.00
C LYS B 176 23.05 -26.75 -3.76
N PRO B 177 22.82 -27.33 -2.56
CA PRO B 177 23.30 -26.66 -1.36
C PRO B 177 24.83 -26.79 -1.23
N TRP B 178 25.45 -25.84 -0.54
CA TRP B 178 26.88 -25.89 -0.29
C TRP B 178 27.20 -27.22 0.43
N GLU B 179 28.38 -27.75 0.19
CA GLU B 179 28.87 -28.95 0.87
C GLU B 179 28.59 -28.92 2.38
N LYS B 180 28.17 -30.07 2.89
CA LYS B 180 27.98 -30.31 4.31
C LYS B 180 29.18 -29.87 5.15
N ASP B 181 28.90 -29.26 6.32
CA ASP B 181 29.92 -28.94 7.34
C ASP B 181 31.19 -28.28 6.76
N ALA B 182 31.01 -27.26 5.92
CA ALA B 182 32.12 -26.66 5.20
C ALA B 182 31.95 -25.13 5.12
N TRP B 183 31.81 -24.53 6.29
CA TRP B 183 31.69 -23.08 6.46
C TRP B 183 33.10 -22.46 6.48
N GLU B 184 34.00 -23.06 7.26
CA GLU B 184 35.41 -22.68 7.23
C GLU B 184 36.16 -23.68 6.37
N ILE B 185 36.66 -23.20 5.23
CA ILE B 185 37.32 -24.06 4.26
C ILE B 185 38.81 -23.74 4.22
N PRO B 186 39.65 -24.73 3.85
CA PRO B 186 41.05 -24.37 3.66
C PRO B 186 41.24 -23.61 2.34
N ARG B 187 42.20 -22.69 2.32
CA ARG B 187 42.49 -21.93 1.11
C ARG B 187 42.78 -22.84 -0.10
N GLU B 188 43.36 -24.01 0.17
CA GLU B 188 43.73 -24.97 -0.88
C GLU B 188 42.56 -25.50 -1.72
N SER B 189 41.35 -25.43 -1.18
CA SER B 189 40.14 -25.90 -1.88
C SER B 189 39.73 -24.97 -3.02
N LEU B 190 40.39 -23.83 -3.10
CA LEU B 190 40.02 -22.80 -4.06
C LEU B 190 41.07 -22.64 -5.15
N LYS B 191 40.58 -22.31 -6.34
CA LYS B 191 41.43 -21.83 -7.41
C LYS B 191 40.75 -20.58 -7.92
N LEU B 192 41.39 -19.43 -7.68
CA LEU B 192 40.87 -18.12 -8.14
C LEU B 192 41.39 -17.89 -9.56
N GLU B 193 40.48 -18.01 -10.52
CA GLU B 193 40.83 -18.14 -11.93
C GLU B 193 40.82 -16.83 -12.73
N LYS B 194 39.96 -15.88 -12.35
CA LYS B 194 39.82 -14.62 -13.09
C LYS B 194 39.47 -13.51 -12.14
N LYS B 195 40.28 -12.45 -12.14
CA LYS B 195 39.98 -11.26 -11.33
C LYS B 195 38.88 -10.48 -12.02
N LEU B 196 37.77 -10.26 -11.31
CA LEU B 196 36.63 -9.57 -11.90
C LEU B 196 36.72 -8.07 -11.64
N GLY B 197 37.22 -7.72 -10.46
CA GLY B 197 37.35 -6.33 -10.05
C GLY B 197 38.26 -6.21 -8.85
N ALA B 198 38.82 -5.03 -8.68
CA ALA B 198 39.71 -4.74 -7.55
C ALA B 198 39.24 -3.47 -6.87
N GLY B 199 39.85 -3.15 -5.74
CA GLY B 199 39.44 -1.98 -4.97
C GLY B 199 40.22 -1.81 -3.69
N GLN B 200 39.91 -0.71 -2.98
CA GLN B 200 40.58 -0.31 -1.74
C GLN B 200 40.59 -1.42 -0.68
N PHE B 201 39.56 -2.26 -0.69
CA PHE B 201 39.32 -3.22 0.39
C PHE B 201 39.47 -4.66 -0.06
N GLY B 202 40.20 -4.86 -1.17
CA GLY B 202 40.43 -6.19 -1.72
C GLY B 202 39.93 -6.37 -3.14
N GLU B 203 39.70 -7.63 -3.52
CA GLU B 203 39.40 -8.01 -4.91
C GLU B 203 38.22 -8.99 -4.97
N VAL B 204 37.58 -9.06 -6.13
CA VAL B 204 36.58 -10.12 -6.40
C VAL B 204 37.09 -10.98 -7.55
N TRP B 205 36.98 -12.30 -7.36
CA TRP B 205 37.48 -13.29 -8.31
C TRP B 205 36.42 -14.33 -8.64
N MET B 206 36.35 -14.73 -9.90
CA MET B 206 35.66 -15.95 -10.25
C MET B 206 36.58 -17.10 -9.84
N ALA B 207 36.03 -18.04 -9.07
CA ALA B 207 36.83 -19.11 -8.53
C ALA B 207 36.16 -20.46 -8.74
N THR B 208 36.92 -21.53 -8.51
CA THR B 208 36.38 -22.88 -8.47
C THR B 208 36.68 -23.49 -7.10
N TYR B 209 35.66 -24.09 -6.50
CA TYR B 209 35.82 -24.79 -5.23
C TYR B 209 35.90 -26.30 -5.46
N ASN B 210 37.01 -26.89 -5.01
CA ASN B 210 37.25 -28.35 -5.11
C ASN B 210 36.82 -28.97 -6.43
N LYS B 211 37.18 -28.27 -7.51
CA LYS B 211 37.00 -28.72 -8.90
C LYS B 211 35.58 -28.68 -9.47
N HIS B 212 34.55 -28.72 -8.62
N HIS B 212 34.57 -28.72 -8.60
CA HIS B 212 33.19 -28.93 -9.11
CA HIS B 212 33.19 -28.93 -9.03
C HIS B 212 32.15 -27.83 -8.84
C HIS B 212 32.30 -27.69 -9.11
N THR B 213 32.57 -26.70 -8.28
CA THR B 213 31.63 -25.59 -8.09
C THR B 213 32.22 -24.23 -8.36
N LYS B 214 31.54 -23.51 -9.24
CA LYS B 214 31.86 -22.13 -9.54
C LYS B 214 31.42 -21.23 -8.38
N VAL B 215 32.35 -20.43 -7.89
CA VAL B 215 32.04 -19.50 -6.83
C VAL B 215 32.60 -18.13 -7.19
N ALA B 216 32.19 -17.11 -6.43
CA ALA B 216 32.92 -15.86 -6.43
C ALA B 216 33.63 -15.83 -5.10
N VAL B 217 34.83 -15.24 -5.11
CA VAL B 217 35.63 -15.02 -3.90
C VAL B 217 35.98 -13.52 -3.70
N LYS B 218 35.60 -12.98 -2.56
CA LYS B 218 36.01 -11.62 -2.20
C LYS B 218 37.17 -11.70 -1.21
N THR B 219 38.29 -11.12 -1.62
CA THR B 219 39.54 -11.21 -0.88
C THR B 219 39.76 -9.93 -0.08
N MET B 220 39.82 -10.05 1.24
CA MET B 220 39.81 -8.89 2.14
C MET B 220 41.21 -8.38 2.47
N LYS B 221 41.49 -7.12 2.10
CA LYS B 221 42.76 -6.45 2.40
C LYS B 221 43.11 -6.55 3.87
N PRO B 222 44.34 -6.99 4.18
CA PRO B 222 44.80 -7.19 5.55
C PRO B 222 44.40 -6.08 6.53
N GLY B 223 44.74 -4.83 6.22
CA GLY B 223 44.52 -3.70 7.13
C GLY B 223 43.10 -3.56 7.66
N SER B 224 42.98 -2.96 8.84
CA SER B 224 41.69 -2.62 9.50
C SER B 224 41.35 -3.52 10.70
N MET B 225 40.18 -4.15 10.56
CA MET B 225 39.51 -5.01 11.54
C MET B 225 40.34 -6.09 12.25
N SER B 226 39.81 -6.55 13.38
CA SER B 226 40.29 -7.75 14.06
C SER B 226 39.71 -8.98 13.38
N VAL B 227 40.50 -10.06 13.33
CA VAL B 227 40.13 -11.30 12.64
C VAL B 227 38.92 -12.02 13.23
N GLU B 228 38.97 -12.33 14.53
CA GLU B 228 37.84 -12.96 15.23
C GLU B 228 36.58 -12.11 15.14
N ALA B 229 36.76 -10.79 15.14
CA ALA B 229 35.67 -9.83 15.01
C ALA B 229 35.03 -9.92 13.63
N PHE B 230 35.86 -10.13 12.61
CA PHE B 230 35.36 -10.35 11.26
C PHE B 230 34.54 -11.63 11.20
N LEU B 231 35.09 -12.72 11.75
CA LEU B 231 34.40 -14.01 11.76
C LEU B 231 33.07 -13.95 12.52
N ALA B 232 33.06 -13.27 13.67
CA ALA B 232 31.85 -13.13 14.47
C ALA B 232 30.69 -12.50 13.69
N GLU B 233 31.01 -11.48 12.91
CA GLU B 233 30.01 -10.80 12.08
C GLU B 233 29.61 -11.70 10.91
N ALA B 234 30.61 -12.23 10.20
CA ALA B 234 30.36 -13.16 9.10
C ALA B 234 29.42 -14.29 9.53
N ASN B 235 29.61 -14.77 10.77
CA ASN B 235 28.78 -15.81 11.35
C ASN B 235 27.32 -15.38 11.45
N VAL B 236 27.11 -14.20 12.04
CA VAL B 236 25.79 -13.60 12.16
C VAL B 236 25.12 -13.50 10.78
N MET B 237 25.88 -13.02 9.79
CA MET B 237 25.32 -12.79 8.46
C MET B 237 24.98 -14.08 7.73
N LYS B 238 25.72 -15.14 8.04
CA LYS B 238 25.42 -16.48 7.56
C LYS B 238 24.01 -16.94 8.00
N THR B 239 23.57 -16.48 9.17
CA THR B 239 22.24 -16.84 9.64
C THR B 239 21.15 -16.13 8.81
N LEU B 240 21.41 -14.90 8.39
CA LEU B 240 20.41 -14.07 7.70
C LEU B 240 20.30 -14.38 6.21
N GLN B 241 20.18 -15.66 5.89
CA GLN B 241 19.92 -16.12 4.53
C GLN B 241 18.53 -15.70 4.06
N HIS B 242 18.43 -15.28 2.79
CA HIS B 242 17.17 -14.97 2.11
C HIS B 242 17.40 -15.09 0.61
N ASP B 243 16.37 -15.53 -0.13
CA ASP B 243 16.47 -15.71 -1.60
C ASP B 243 17.00 -14.51 -2.35
N LYS B 244 16.77 -13.32 -1.80
CA LYS B 244 17.09 -12.06 -2.47
C LYS B 244 18.39 -11.43 -1.96
N LEU B 245 19.11 -12.17 -1.14
CA LEU B 245 20.46 -11.80 -0.70
C LEU B 245 21.42 -12.86 -1.23
N VAL B 246 22.51 -12.41 -1.85
CA VAL B 246 23.55 -13.28 -2.39
C VAL B 246 23.88 -14.37 -1.37
N LYS B 247 23.90 -15.62 -1.81
CA LYS B 247 24.18 -16.72 -0.88
C LYS B 247 25.65 -16.72 -0.44
N LEU B 248 25.84 -16.46 0.86
CA LEU B 248 27.12 -16.55 1.53
C LEU B 248 27.38 -18.00 1.89
N HIS B 249 28.44 -18.58 1.33
CA HIS B 249 28.72 -20.03 1.49
C HIS B 249 29.80 -20.32 2.52
N ALA B 250 30.94 -19.64 2.40
CA ALA B 250 32.12 -20.02 3.18
C ALA B 250 33.08 -18.87 3.45
N VAL B 251 34.02 -19.16 4.34
CA VAL B 251 35.03 -18.23 4.78
C VAL B 251 36.38 -18.95 4.86
N VAL B 252 37.45 -18.25 4.49
CA VAL B 252 38.80 -18.65 4.86
C VAL B 252 39.21 -17.72 5.98
N THR B 253 39.47 -18.31 7.15
CA THR B 253 39.79 -17.53 8.35
C THR B 253 41.27 -17.08 8.43
N LYS B 254 42.18 -17.84 7.80
CA LYS B 254 43.56 -17.40 7.66
C LYS B 254 43.64 -16.11 6.84
N GLU B 255 44.31 -15.11 7.41
CA GLU B 255 44.44 -13.81 6.80
C GLU B 255 45.44 -13.87 5.65
N PRO B 256 45.13 -13.20 4.51
CA PRO B 256 43.90 -12.45 4.17
C PRO B 256 42.63 -13.29 4.04
N ILE B 257 41.57 -12.80 4.68
CA ILE B 257 40.26 -13.42 4.70
C ILE B 257 39.67 -13.54 3.29
N TYR B 258 39.12 -14.71 2.98
CA TYR B 258 38.36 -14.91 1.75
C TYR B 258 36.92 -15.18 2.11
N ILE B 259 36.01 -14.45 1.47
CA ILE B 259 34.59 -14.71 1.59
C ILE B 259 34.15 -15.37 0.30
N ILE B 260 33.33 -16.42 0.45
CA ILE B 260 32.88 -17.20 -0.70
C ILE B 260 31.37 -17.16 -0.78
N THR B 261 30.88 -16.58 -1.88
CA THR B 261 29.49 -16.57 -2.23
C THR B 261 29.24 -17.34 -3.54
N GLU B 262 27.97 -17.47 -3.88
CA GLU B 262 27.54 -18.03 -5.14
C GLU B 262 28.01 -17.12 -6.27
N PHE B 263 28.29 -17.71 -7.42
CA PHE B 263 28.63 -16.91 -8.60
C PHE B 263 27.34 -16.41 -9.24
N MET B 264 27.30 -15.10 -9.52
CA MET B 264 26.13 -14.48 -10.14
C MET B 264 26.50 -14.10 -11.56
N ALA B 265 25.98 -14.85 -12.51
CA ALA B 265 26.49 -14.83 -13.89
C ALA B 265 26.56 -13.47 -14.58
N LYS B 266 25.63 -12.58 -14.27
CA LYS B 266 25.57 -11.32 -14.99
C LYS B 266 26.16 -10.15 -14.19
N GLY B 267 27.02 -10.47 -13.24
CA GLY B 267 27.72 -9.48 -12.45
C GLY B 267 26.78 -8.48 -11.81
N SER B 268 27.18 -7.23 -11.81
CA SER B 268 26.42 -6.22 -11.09
C SER B 268 25.26 -5.73 -11.92
N LEU B 269 24.23 -5.27 -11.21
CA LEU B 269 23.09 -4.58 -11.82
C LEU B 269 23.51 -3.35 -12.60
N LEU B 270 24.48 -2.61 -12.07
CA LEU B 270 24.97 -1.41 -12.76
C LEU B 270 25.50 -1.76 -14.15
N ASP B 271 26.32 -2.81 -14.23
CA ASP B 271 26.97 -3.22 -15.48
C ASP B 271 25.97 -3.83 -16.45
N PHE B 272 25.07 -4.66 -15.93
CA PHE B 272 24.05 -5.28 -16.77
C PHE B 272 23.12 -4.23 -17.39
N LEU B 273 22.69 -3.23 -16.61
CA LEU B 273 21.82 -2.16 -17.14
C LEU B 273 22.48 -1.42 -18.31
N LYS B 274 23.81 -1.25 -18.25
CA LYS B 274 24.59 -0.59 -19.29
C LYS B 274 24.90 -1.49 -20.49
N SER B 275 24.82 -2.80 -20.30
CA SER B 275 25.08 -3.77 -21.39
C SER B 275 24.04 -3.64 -22.49
N ASP B 276 24.25 -4.37 -23.59
CA ASP B 276 23.27 -4.40 -24.68
C ASP B 276 21.95 -5.03 -24.23
N GLU B 277 22.06 -6.20 -23.60
CA GLU B 277 20.92 -6.90 -23.00
C GLU B 277 20.14 -6.03 -22.03
N GLY B 278 20.87 -5.23 -21.25
CA GLY B 278 20.26 -4.34 -20.24
C GLY B 278 19.38 -3.28 -20.86
N SER B 279 19.84 -2.69 -21.96
CA SER B 279 19.12 -1.62 -22.63
C SER B 279 17.83 -2.09 -23.32
N LYS B 280 17.69 -3.40 -23.52
CA LYS B 280 16.49 -3.99 -24.13
C LYS B 280 15.41 -4.38 -23.12
N GLN B 281 15.68 -4.14 -21.84
CA GLN B 281 14.73 -4.49 -20.80
C GLN B 281 13.63 -3.44 -20.74
N PRO B 282 12.38 -3.86 -20.98
CA PRO B 282 11.31 -2.87 -20.93
C PRO B 282 11.10 -2.37 -19.51
N LEU B 283 10.42 -1.23 -19.38
CA LEU B 283 10.06 -0.66 -18.07
C LEU B 283 9.49 -1.67 -17.03
N PRO B 284 8.55 -2.56 -17.45
CA PRO B 284 8.03 -3.56 -16.49
C PRO B 284 9.07 -4.52 -15.91
N LYS B 285 10.16 -4.78 -16.64
CA LYS B 285 11.30 -5.56 -16.11
C LYS B 285 12.06 -4.79 -15.07
N LEU B 286 12.30 -3.51 -15.37
CA LEU B 286 13.06 -2.63 -14.50
C LEU B 286 12.36 -2.47 -13.14
N ILE B 287 11.04 -2.28 -13.18
CA ILE B 287 10.21 -2.24 -12.00
C ILE B 287 10.24 -3.59 -11.29
N ASP B 288 10.23 -4.67 -12.06
CA ASP B 288 10.33 -6.01 -11.50
C ASP B 288 11.68 -6.22 -10.81
N PHE B 289 12.79 -5.73 -11.41
CA PHE B 289 14.10 -5.70 -10.73
C PHE B 289 14.01 -4.92 -9.41
N SER B 290 13.44 -3.71 -9.45
CA SER B 290 13.21 -2.89 -8.25
C SER B 290 12.40 -3.63 -7.20
N ALA B 291 11.33 -4.30 -7.62
CA ALA B 291 10.50 -5.08 -6.67
C ALA B 291 11.28 -6.18 -5.95
N GLN B 292 12.13 -6.92 -6.68
CA GLN B 292 12.98 -7.97 -6.06
C GLN B 292 13.97 -7.36 -5.07
N ILE B 293 14.52 -6.18 -5.41
CA ILE B 293 15.44 -5.49 -4.51
C ILE B 293 14.70 -5.02 -3.23
N ALA B 294 13.49 -4.50 -3.40
CA ALA B 294 12.66 -4.04 -2.27
C ALA B 294 12.26 -5.20 -1.33
N GLU B 295 12.05 -6.37 -1.93
CA GLU B 295 11.78 -7.60 -1.19
C GLU B 295 12.93 -7.97 -0.28
N GLY B 296 14.16 -7.97 -0.79
CA GLY B 296 15.33 -8.27 0.02
C GLY B 296 15.53 -7.19 1.09
N MET B 297 15.38 -5.92 0.71
CA MET B 297 15.38 -4.85 1.72
C MET B 297 14.30 -5.02 2.79
N ALA B 298 13.13 -5.54 2.39
CA ALA B 298 12.01 -5.75 3.34
C ALA B 298 12.38 -6.79 4.39
N PHE B 299 13.03 -7.86 3.95
CA PHE B 299 13.61 -8.85 4.84
C PHE B 299 14.57 -8.23 5.89
N ILE B 300 15.47 -7.36 5.44
CA ILE B 300 16.48 -6.71 6.31
C ILE B 300 15.81 -5.77 7.33
N GLU B 301 14.90 -4.92 6.86
CA GLU B 301 14.04 -4.04 7.68
C GLU B 301 13.30 -4.80 8.76
N GLN B 302 12.75 -5.94 8.35
CA GLN B 302 12.00 -6.85 9.19
C GLN B 302 12.91 -7.47 10.26
N ARG B 303 14.16 -7.77 9.90
CA ARG B 303 15.11 -8.34 10.85
C ARG B 303 15.77 -7.28 11.73
N ASN B 304 15.43 -6.01 11.48
CA ASN B 304 15.98 -4.84 12.17
C ASN B 304 17.50 -4.68 11.98
N TYR B 305 17.91 -4.77 10.71
CA TYR B 305 19.29 -4.53 10.32
C TYR B 305 19.32 -3.36 9.36
N ILE B 306 20.51 -3.00 8.92
CA ILE B 306 20.63 -2.04 7.84
C ILE B 306 21.66 -2.49 6.82
N HIS B 307 21.40 -2.17 5.56
CA HIS B 307 22.39 -2.31 4.52
C HIS B 307 22.87 -0.88 4.22
N ARG B 308 24.00 -0.50 4.79
CA ARG B 308 24.37 0.91 4.80
C ARG B 308 24.86 1.48 3.45
N ASP B 309 24.76 0.68 2.39
CA ASP B 309 25.32 1.06 1.08
C ASP B 309 24.55 0.48 -0.11
N LEU B 310 23.27 0.85 -0.21
CA LEU B 310 22.42 0.36 -1.27
C LEU B 310 22.64 1.20 -2.54
N ARG B 311 22.98 0.51 -3.64
CA ARG B 311 23.16 1.09 -4.97
C ARG B 311 23.29 -0.04 -5.99
N ALA B 312 23.11 0.27 -7.27
CA ALA B 312 23.10 -0.74 -8.32
C ALA B 312 24.42 -1.55 -8.36
N ALA B 313 25.54 -0.89 -8.07
CA ALA B 313 26.82 -1.56 -8.01
C ALA B 313 26.75 -2.75 -7.07
N ASN B 314 25.93 -2.64 -6.02
CA ASN B 314 25.83 -3.69 -4.99
C ASN B 314 24.61 -4.58 -5.07
N ILE B 315 24.14 -4.79 -6.29
CA ILE B 315 23.09 -5.72 -6.61
C ILE B 315 23.68 -6.62 -7.68
N LEU B 316 23.54 -7.92 -7.49
CA LEU B 316 24.03 -8.85 -8.48
C LEU B 316 22.90 -9.47 -9.29
N VAL B 317 23.21 -9.89 -10.51
CA VAL B 317 22.20 -10.45 -11.41
C VAL B 317 22.60 -11.84 -11.90
N SER B 318 21.62 -12.74 -11.93
CA SER B 318 21.82 -14.12 -12.30
C SER B 318 21.61 -14.29 -13.81
N ALA B 319 22.07 -15.41 -14.36
CA ALA B 319 21.98 -15.71 -15.81
C ALA B 319 20.55 -15.57 -16.29
N SER B 320 19.63 -15.84 -15.35
CA SER B 320 18.21 -15.85 -15.55
C SER B 320 17.52 -14.55 -15.10
N LEU B 321 18.32 -13.52 -14.77
CA LEU B 321 17.86 -12.15 -14.42
C LEU B 321 17.32 -11.93 -12.98
N VAL B 322 17.55 -12.88 -12.08
CA VAL B 322 17.23 -12.71 -10.65
C VAL B 322 18.16 -11.73 -9.95
N CYS B 323 17.58 -10.70 -9.33
CA CYS B 323 18.34 -9.71 -8.57
C CYS B 323 18.59 -10.10 -7.11
N LYS B 324 19.82 -9.93 -6.65
CA LYS B 324 20.15 -10.16 -5.24
C LYS B 324 21.00 -9.03 -4.71
N ILE B 325 20.79 -8.72 -3.43
CA ILE B 325 21.58 -7.73 -2.75
C ILE B 325 22.88 -8.40 -2.32
N ALA B 326 23.98 -7.68 -2.50
CA ALA B 326 25.32 -8.11 -2.12
C ALA B 326 25.82 -7.13 -1.08
N ASP B 327 26.76 -7.56 -0.26
CA ASP B 327 27.46 -6.69 0.68
C ASP B 327 26.65 -6.32 1.92
N PHE B 328 25.53 -7.01 2.13
CA PHE B 328 24.82 -6.93 3.39
C PHE B 328 25.72 -7.52 4.50
N GLY B 329 26.20 -6.67 5.39
CA GLY B 329 27.15 -7.05 6.42
C GLY B 329 28.51 -6.38 6.27
N LEU B 330 28.93 -6.16 5.02
CA LEU B 330 30.25 -5.60 4.70
C LEU B 330 30.42 -4.17 5.21
N ALA B 331 29.31 -3.43 5.32
CA ALA B 331 29.35 -2.04 5.79
C ALA B 331 29.78 -1.89 7.26
N ARG B 332 29.47 -2.88 8.08
CA ARG B 332 29.87 -2.89 9.49
C ARG B 332 31.34 -3.24 9.63
N VAL B 333 31.87 -3.97 8.66
CA VAL B 333 33.30 -4.28 8.62
C VAL B 333 34.08 -3.13 7.96
N ILE B 334 33.80 -2.86 6.69
CA ILE B 334 34.41 -1.77 5.95
C ILE B 334 33.86 -0.42 6.42
N PRO B 348 31.04 8.28 -1.91
CA PRO B 348 29.84 7.49 -2.24
C PRO B 348 28.55 8.21 -1.83
N ILE B 349 28.66 9.50 -1.56
CA ILE B 349 27.59 10.29 -0.94
C ILE B 349 26.28 10.37 -1.75
N LYS B 350 26.36 10.22 -3.07
CA LYS B 350 25.20 10.49 -3.93
C LYS B 350 23.99 9.58 -3.68
N TRP B 351 24.22 8.42 -3.05
CA TRP B 351 23.15 7.50 -2.66
C TRP B 351 22.85 7.61 -1.16
N THR B 352 23.49 8.57 -0.50
CA THR B 352 23.42 8.69 0.94
C THR B 352 22.45 9.79 1.41
N ALA B 353 21.65 9.44 2.40
CA ALA B 353 20.67 10.36 2.97
C ALA B 353 21.38 11.51 3.71
N PRO B 354 20.80 12.73 3.64
CA PRO B 354 21.40 13.87 4.32
C PRO B 354 21.76 13.59 5.79
N GLU B 355 20.86 12.96 6.55
CA GLU B 355 21.12 12.63 7.98
C GLU B 355 22.38 11.81 8.11
N ALA B 356 22.55 10.83 7.23
CA ALA B 356 23.72 9.95 7.23
C ALA B 356 24.97 10.71 6.75
N ILE B 357 24.78 11.62 5.80
CA ILE B 357 25.84 12.52 5.33
C ILE B 357 26.24 13.48 6.45
N ASN B 358 25.26 14.17 7.01
CA ASN B 358 25.47 15.19 8.03
C ASN B 358 25.85 14.67 9.41
N PHE B 359 25.32 13.51 9.78
CA PHE B 359 25.35 13.11 11.19
C PHE B 359 25.86 11.69 11.49
N GLY B 360 25.99 10.86 10.46
CA GLY B 360 26.32 9.45 10.68
C GLY B 360 25.08 8.66 11.09
N SER B 361 23.95 9.37 11.21
CA SER B 361 22.67 8.76 11.56
C SER B 361 22.16 7.84 10.43
N PHE B 362 22.74 6.63 10.37
CA PHE B 362 22.29 5.56 9.46
C PHE B 362 21.21 4.70 10.11
N THR B 363 20.02 4.68 9.49
CA THR B 363 18.93 3.81 9.91
C THR B 363 18.39 3.14 8.66
N ILE B 364 17.36 2.31 8.81
CA ILE B 364 16.70 1.69 7.65
C ILE B 364 16.04 2.78 6.78
N LYS B 365 15.75 3.95 7.35
CA LYS B 365 15.18 5.04 6.57
C LYS B 365 16.21 5.71 5.66
N SER B 366 17.48 5.72 6.08
CA SER B 366 18.54 6.14 5.17
C SER B 366 18.72 5.13 4.01
N ASP B 367 18.55 3.84 4.29
CA ASP B 367 18.37 2.84 3.20
C ASP B 367 17.23 3.17 2.22
N VAL B 368 16.09 3.62 2.74
CA VAL B 368 14.97 3.99 1.87
C VAL B 368 15.41 5.10 0.91
N TRP B 369 16.07 6.12 1.44
CA TRP B 369 16.60 7.16 0.57
C TRP B 369 17.43 6.52 -0.55
N SER B 370 18.48 5.78 -0.18
CA SER B 370 19.33 5.06 -1.13
C SER B 370 18.53 4.27 -2.17
N PHE B 371 17.43 3.67 -1.73
CA PHE B 371 16.62 2.87 -2.63
C PHE B 371 15.96 3.73 -3.70
N GLY B 372 15.53 4.93 -3.34
CA GLY B 372 15.01 5.90 -4.30
C GLY B 372 16.03 6.26 -5.37
N ILE B 373 17.28 6.51 -4.97
CA ILE B 373 18.37 6.79 -5.91
C ILE B 373 18.61 5.57 -6.82
N LEU B 374 18.71 4.41 -6.19
CA LEU B 374 18.82 3.16 -6.91
C LEU B 374 17.68 3.02 -7.95
N LEU B 375 16.45 3.32 -7.57
CA LEU B 375 15.31 3.25 -8.48
C LEU B 375 15.57 4.15 -9.70
N MET B 376 16.13 5.34 -9.48
CA MET B 376 16.46 6.26 -10.56
C MET B 376 17.59 5.69 -11.43
N GLU B 377 18.59 5.08 -10.79
CA GLU B 377 19.66 4.37 -11.49
C GLU B 377 19.05 3.33 -12.43
N ILE B 378 18.12 2.54 -11.90
CA ILE B 378 17.52 1.45 -12.65
C ILE B 378 16.80 1.93 -13.91
N VAL B 379 16.00 3.00 -13.76
CA VAL B 379 15.15 3.50 -14.82
C VAL B 379 15.94 4.31 -15.85
N THR B 380 17.12 4.79 -15.44
CA THR B 380 18.01 5.52 -16.35
C THR B 380 19.09 4.59 -16.91
N TYR B 381 18.91 3.28 -16.71
CA TYR B 381 19.85 2.27 -17.22
C TYR B 381 21.28 2.53 -16.75
N GLY B 382 21.43 2.80 -15.46
CA GLY B 382 22.76 2.92 -14.87
C GLY B 382 23.49 4.21 -15.17
N ARG B 383 22.74 5.26 -15.53
CA ARG B 383 23.25 6.62 -15.57
C ARG B 383 23.59 7.04 -14.13
N ILE B 384 24.73 7.70 -13.97
CA ILE B 384 25.15 8.31 -12.71
C ILE B 384 24.02 9.17 -12.17
N PRO B 385 23.78 9.12 -10.84
CA PRO B 385 22.70 9.88 -10.20
C PRO B 385 22.53 11.35 -10.66
N TYR B 386 23.27 12.28 -10.06
CA TYR B 386 23.08 13.69 -10.37
C TYR B 386 24.05 14.08 -11.50
N PRO B 387 23.64 13.88 -12.77
CA PRO B 387 24.59 13.92 -13.88
C PRO B 387 25.14 15.32 -14.18
N GLY B 388 26.46 15.44 -14.18
CA GLY B 388 27.13 16.73 -14.36
C GLY B 388 27.27 17.54 -13.08
N MET B 389 26.86 16.95 -11.95
CA MET B 389 27.00 17.58 -10.64
C MET B 389 28.10 16.91 -9.82
N SER B 390 28.70 17.69 -8.92
CA SER B 390 29.75 17.19 -8.02
C SER B 390 29.19 16.87 -6.62
N ASN B 391 29.94 16.09 -5.83
CA ASN B 391 29.55 15.73 -4.46
C ASN B 391 29.22 16.93 -3.56
N PRO B 392 30.12 17.94 -3.48
CA PRO B 392 29.76 19.12 -2.69
C PRO B 392 28.51 19.84 -3.23
N GLU B 393 28.38 19.89 -4.56
CA GLU B 393 27.22 20.52 -5.19
C GLU B 393 25.92 19.83 -4.79
N VAL B 394 25.95 18.49 -4.78
CA VAL B 394 24.79 17.69 -4.41
C VAL B 394 24.37 17.97 -2.95
N ILE B 395 25.36 17.96 -2.04
CA ILE B 395 25.11 18.26 -0.62
C ILE B 395 24.41 19.62 -0.43
N ARG B 396 24.93 20.66 -1.09
CA ARG B 396 24.34 21.99 -1.05
C ARG B 396 22.93 22.01 -1.64
N ALA B 397 22.77 21.34 -2.78
CA ALA B 397 21.48 21.30 -3.48
C ALA B 397 20.38 20.59 -2.68
N LEU B 398 20.77 19.58 -1.89
CA LEU B 398 19.81 18.84 -1.07
C LEU B 398 19.24 19.69 0.08
N GLU B 399 20.09 20.51 0.69
CA GLU B 399 19.62 21.48 1.69
C GLU B 399 18.61 22.42 1.04
N ARG B 400 19.01 23.03 -0.08
CA ARG B 400 18.15 23.90 -0.89
C ARG B 400 16.78 23.29 -1.14
N GLY B 401 16.74 21.96 -1.30
CA GLY B 401 15.50 21.20 -1.47
C GLY B 401 15.35 20.54 -2.84
N TYR B 402 16.44 20.56 -3.62
CA TYR B 402 16.46 20.00 -4.97
C TYR B 402 16.36 18.48 -4.97
N ARG B 403 15.67 17.96 -5.97
CA ARG B 403 15.63 16.54 -6.27
C ARG B 403 15.82 16.38 -7.76
N MET B 404 16.42 15.26 -8.18
CA MET B 404 16.53 14.89 -9.59
C MET B 404 15.15 14.91 -10.24
N PRO B 405 15.05 15.54 -11.43
CA PRO B 405 13.74 15.60 -12.11
C PRO B 405 13.32 14.25 -12.71
N ARG B 406 12.05 14.15 -13.05
CA ARG B 406 11.52 12.92 -13.62
C ARG B 406 12.03 12.70 -15.05
N PRO B 407 12.69 11.55 -15.29
CA PRO B 407 13.16 11.19 -16.64
C PRO B 407 12.00 10.84 -17.56
N GLU B 408 12.28 10.83 -18.87
CA GLU B 408 11.23 10.77 -19.90
C GLU B 408 10.39 9.48 -19.85
N ASN B 409 11.05 8.34 -19.76
CA ASN B 409 10.35 7.06 -19.73
C ASN B 409 9.85 6.65 -18.34
N CYS B 410 10.12 7.47 -17.33
CA CYS B 410 9.72 7.15 -15.96
C CYS B 410 8.26 7.53 -15.65
N PRO B 411 7.40 6.54 -15.35
CA PRO B 411 6.01 6.89 -15.06
C PRO B 411 5.90 7.80 -13.83
N GLU B 412 5.00 8.78 -13.90
CA GLU B 412 4.77 9.72 -12.79
C GLU B 412 4.71 8.98 -11.45
N GLU B 413 3.98 7.87 -11.45
CA GLU B 413 3.70 7.12 -10.23
C GLU B 413 4.94 6.40 -9.68
N LEU B 414 5.85 6.01 -10.56
CA LEU B 414 7.13 5.46 -10.13
C LEU B 414 7.97 6.58 -9.52
N TYR B 415 7.85 7.77 -10.10
CA TYR B 415 8.56 8.95 -9.63
C TYR B 415 8.10 9.42 -8.26
N ASN B 416 6.80 9.34 -7.97
N ASN B 416 6.80 9.30 -8.01
CA ASN B 416 6.34 9.72 -6.65
CA ASN B 416 6.20 9.62 -6.72
C ASN B 416 6.93 8.82 -5.58
C ASN B 416 6.76 8.78 -5.58
N ILE B 417 7.15 7.55 -5.92
CA ILE B 417 7.78 6.61 -4.98
C ILE B 417 9.18 7.09 -4.64
N MET B 418 9.96 7.44 -5.66
CA MET B 418 11.31 8.02 -5.45
C MET B 418 11.23 9.26 -4.57
N MET B 419 10.30 10.15 -4.94
CA MET B 419 10.07 11.38 -4.19
C MET B 419 9.73 11.10 -2.73
N ARG B 420 8.94 10.07 -2.48
CA ARG B 420 8.65 9.68 -1.09
C ARG B 420 9.85 9.11 -0.31
N CYS B 421 10.77 8.46 -1.02
CA CYS B 421 12.05 8.00 -0.45
C CYS B 421 12.97 9.17 -0.14
N TRP B 422 12.79 10.27 -0.86
CA TRP B 422 13.68 11.43 -0.75
C TRP B 422 13.11 12.52 0.17
N LYS B 423 12.29 12.10 1.12
CA LYS B 423 11.69 13.04 2.08
C LYS B 423 12.77 13.54 3.05
N ASN B 424 12.76 14.85 3.29
CA ASN B 424 13.70 15.47 4.21
C ASN B 424 13.67 14.77 5.56
N ARG B 425 12.50 14.76 6.19
CA ARG B 425 12.24 14.02 7.41
C ARG B 425 12.30 12.53 7.12
N PRO B 426 13.19 11.78 7.81
CA PRO B 426 13.30 10.35 7.54
C PRO B 426 12.07 9.56 7.96
N GLU B 427 11.46 9.94 9.09
CA GLU B 427 10.19 9.33 9.56
C GLU B 427 9.09 9.37 8.50
N GLU B 428 9.22 10.31 7.57
CA GLU B 428 8.23 10.55 6.53
C GLU B 428 8.39 9.62 5.33
N ARG B 429 9.51 8.92 5.26
CA ARG B 429 9.78 7.97 4.19
C ARG B 429 9.02 6.66 4.45
N PRO B 430 8.64 5.92 3.38
CA PRO B 430 7.89 4.68 3.51
C PRO B 430 8.75 3.51 4.03
N THR B 431 8.09 2.41 4.37
CA THR B 431 8.76 1.15 4.68
C THR B 431 9.01 0.40 3.37
N PHE B 432 10.05 -0.42 3.34
CA PHE B 432 10.30 -1.35 2.23
C PHE B 432 9.19 -2.38 2.10
N GLU B 433 8.56 -2.71 3.22
CA GLU B 433 7.37 -3.59 3.21
C GLU B 433 6.25 -2.98 2.36
N TYR B 434 6.03 -1.68 2.52
CA TYR B 434 5.08 -0.97 1.68
C TYR B 434 5.55 -0.82 0.22
N ILE B 435 6.81 -0.42 0.05
CA ILE B 435 7.43 -0.22 -1.25
C ILE B 435 7.37 -1.45 -2.14
N GLN B 436 7.75 -2.61 -1.58
CA GLN B 436 7.70 -3.88 -2.30
C GLN B 436 6.27 -4.17 -2.81
N SER B 437 5.29 -4.04 -1.90
CA SER B 437 3.87 -4.27 -2.26
C SER B 437 3.37 -3.34 -3.38
N VAL B 438 3.85 -2.09 -3.40
CA VAL B 438 3.44 -1.16 -4.45
C VAL B 438 4.08 -1.57 -5.79
N LEU B 439 5.38 -1.88 -5.73
CA LEU B 439 6.12 -2.29 -6.92
C LEU B 439 5.68 -3.67 -7.40
N ASP B 440 5.36 -4.57 -6.46
CA ASP B 440 4.87 -5.91 -6.83
C ASP B 440 3.64 -5.85 -7.73
N ASP B 441 2.72 -4.94 -7.44
CA ASP B 441 1.42 -4.85 -8.09
C ASP B 441 1.22 -3.51 -8.80
N PHE B 442 2.33 -2.93 -9.28
CA PHE B 442 2.35 -1.63 -9.94
C PHE B 442 1.32 -1.54 -11.06
N TYR B 443 1.11 -2.65 -11.77
CA TYR B 443 0.21 -2.70 -12.94
C TYR B 443 -1.10 -3.43 -12.68
N THR B 444 -1.39 -3.73 -11.42
CA THR B 444 -2.54 -4.54 -11.04
C THR B 444 -3.36 -3.83 -9.96
N ALA B 445 -4.60 -3.46 -10.30
CA ALA B 445 -5.56 -3.02 -9.32
C ALA B 445 -5.80 -4.14 -8.31
N THR B 446 -5.77 -3.78 -7.01
CA THR B 446 -5.99 -4.73 -5.89
C THR B 446 -7.13 -5.70 -6.15
N GLU B 447 -8.23 -5.16 -6.64
CA GLU B 447 -9.42 -5.94 -6.88
C GLU B 447 -9.25 -6.93 -8.08
N SER B 448 -8.19 -6.76 -8.88
CA SER B 448 -7.92 -7.70 -10.01
C SER B 448 -6.85 -8.75 -9.69
N GLN B 449 -6.34 -8.76 -8.46
CA GLN B 449 -5.30 -9.74 -8.13
C GLN B 449 -5.75 -11.18 -8.34
N GLU B 451 -9.12 -13.44 -9.80
CA GLU B 451 -10.37 -13.51 -10.52
C GLU B 451 -11.47 -13.90 -9.56
N GLU B 452 -12.72 -13.59 -9.90
CA GLU B 452 -13.86 -14.17 -9.18
C GLU B 452 -14.69 -14.97 -10.17
N ILE B 453 -14.94 -16.23 -9.85
CA ILE B 453 -15.58 -17.15 -10.82
C ILE B 453 -16.83 -17.87 -10.27
N PRO B 454 -18.03 -17.57 -10.85
CA PRO B 454 -19.28 -18.19 -10.40
C PRO B 454 -19.34 -19.66 -10.77
#